data_6GVG
#
_entry.id   6GVG
#
_cell.length_a   59.450
_cell.length_b   135.860
_cell.length_c   142.580
_cell.angle_alpha   90.00
_cell.angle_beta   90.00
_cell.angle_gamma   90.00
#
_symmetry.space_group_name_H-M   'P 21 21 21'
#
loop_
_entity.id
_entity.type
_entity.pdbx_description
1 polymer 'Phosphatidylinositol 4,5-bisphosphate 3-kinase catalytic subunit alpha isoform'
2 non-polymer 5-(6-azanyl-4-methyl-1-propan-2-yl-pyrazolo[3,4-d]pyrimidin-3-yl)-1,3-benzoxazol-2-amine
3 water water
#
_entity_poly.entity_id   1
_entity_poly.type   'polypeptide(L)'
_entity_poly.pdbx_seq_one_letter_code
;NREEKILNREIGFAIGMPVCEFDMVKDPEVQDFRRNILNVCKEAVDLRDLNSPHSRAMYVYPPNVESSPELPKHIYNKLD
KGQIIVVIWVIVSPNNDKQKYTLKINHDCVPEQVIAEAIRKKTRSMLLSSEQLKLCVLEYQGKYILKVCGCDEYFLEKYP
LSQYKYIRSCIMLGRMPNLMLMAKESLYSQLPMDCFTMPSYSRRISTATPYMNGETSTKSLWVINSALRIKILCATYVNV
NIRDIDKIYVRTGIYHGGEPLCDNVNTQRVPCSNPRWNEWLNYDIYIPDLPRAARLCLSICSVKGRKGAKEEHCPLAWGN
INLFDYTDTLVSGKMALNLWPVPHGLEDLLNPIGVTGSNPNKETPCLELEFDWFSSVVKFPDMSVIEEHANWSVSREAGF
SYSHAGLSNRLARDNELRENDKEQLKAISTRDPLSEITEQEKDFLWSHRHYCVTIPEILPKLLLSVKWNSRDEVAQMYCL
VKDWPPIKPEQAMELLDCNYPDPMVRGFAVRCLEKYLTDDKLSQYLIQLVQVLKYEQYLDNLLVRFLLKKALTNQRIGHF
FFWHLKSEMHNKTVSQRFGLLLESYCRACGMYLKHLNRQVEAMEKLINLTDILKQEKKDETQKVQMKFLVEQMRRPDFMD
ALQGFLSPLNPAHQLGNLRLEECRIMSSAKRPLWLNWENPDIMSELLFQNNEIIFKNGDDLRQDMLTLQIIRIMENIWQN
QGLDLRMLPYGCLSIGDCVGLIEVVRNSHTIMQIQCKGGLKGALQFNSHTLHQWLKDKNKGEIYDAAIDLFTRSCAGYCV
ATFILGIGDRHNSNIMVKDDGQLFHIDFGHFLDHKKKKFGYKRERVPFVLTQDFLIVISKGAQECTKTREFERFQEMCYK
AYLAIRQHANLFINLFSMMLGSGMPELQSFDDIAYIRKTLALDKTEQEALEYFMKQMNDAHHGGWTTKMDWIFHTIKQHA
LN
;
_entity_poly.pdbx_strand_id   A
#
# COMPACT_ATOMS: atom_id res chain seq x y z
N ASN A 1 3.46 23.91 27.85
CA ASN A 1 3.47 25.37 27.87
C ASN A 1 4.29 25.94 26.69
N ARG A 2 5.52 26.41 26.96
CA ARG A 2 6.45 27.00 25.99
C ARG A 2 6.97 25.91 25.09
N GLU A 3 7.24 24.72 25.63
CA GLU A 3 7.75 23.60 24.85
C GLU A 3 6.62 22.96 24.01
N GLU A 4 5.35 23.07 24.48
CA GLU A 4 4.17 22.61 23.75
C GLU A 4 3.96 23.48 22.53
N LYS A 5 4.12 24.81 22.70
CA LYS A 5 3.95 25.76 21.62
C LYS A 5 4.96 25.52 20.51
N ILE A 6 6.22 25.20 20.89
CA ILE A 6 7.29 24.92 19.94
C ILE A 6 6.98 23.65 19.16
N LEU A 7 6.56 22.59 19.88
CA LEU A 7 6.17 21.31 19.31
C LEU A 7 4.98 21.49 18.36
N ASN A 8 4.03 22.36 18.68
CA ASN A 8 2.87 22.59 17.84
C ASN A 8 3.29 23.19 16.48
N ARG A 9 4.33 24.06 16.52
CA ARG A 9 4.89 24.71 15.35
C ARG A 9 5.58 23.65 14.43
N GLU A 10 6.25 22.65 15.06
CA GLU A 10 6.96 21.56 14.40
C GLU A 10 5.99 20.59 13.75
N ILE A 11 4.91 20.23 14.46
CA ILE A 11 3.87 19.33 13.92
C ILE A 11 3.15 20.05 12.75
N GLY A 12 2.88 21.35 12.93
CA GLY A 12 2.24 22.17 11.93
C GLY A 12 3.01 22.18 10.65
N PHE A 13 4.34 22.34 10.73
CA PHE A 13 5.21 22.36 9.55
C PHE A 13 5.20 20.99 8.85
N ALA A 14 5.22 19.90 9.64
CA ALA A 14 5.21 18.52 9.14
C ALA A 14 3.97 18.17 8.38
N ILE A 15 2.79 18.51 8.89
CA ILE A 15 1.55 18.11 8.24
C ILE A 15 1.11 19.12 7.14
N GLY A 16 1.61 20.34 7.21
CA GLY A 16 1.24 21.41 6.30
C GLY A 16 0.31 22.45 6.89
N MET A 17 -0.60 22.00 7.75
CA MET A 17 -1.58 22.86 8.40
C MET A 17 -1.31 23.07 9.88
N PRO A 18 -1.65 24.24 10.45
CA PRO A 18 -1.39 24.44 11.88
C PRO A 18 -2.31 23.60 12.77
N VAL A 19 -1.80 23.19 13.94
CA VAL A 19 -2.50 22.39 14.96
C VAL A 19 -3.80 23.09 15.44
N CYS A 20 -3.75 24.44 15.55
CA CYS A 20 -4.86 25.31 15.96
C CYS A 20 -6.14 25.09 15.15
N GLU A 21 -6.01 24.70 13.87
CA GLU A 21 -7.15 24.45 13.00
C GLU A 21 -7.97 23.25 13.43
N PHE A 22 -7.31 22.27 14.12
CA PHE A 22 -7.98 21.11 14.68
C PHE A 22 -8.70 21.51 15.91
N ASP A 23 -8.11 22.41 16.73
CA ASP A 23 -8.74 22.90 17.96
C ASP A 23 -10.07 23.60 17.72
N MET A 24 -10.21 24.31 16.58
CA MET A 24 -11.42 25.05 16.25
C MET A 24 -12.54 24.18 15.58
N VAL A 25 -12.28 22.88 15.35
CA VAL A 25 -13.28 21.96 14.78
C VAL A 25 -14.30 21.65 15.88
N LYS A 26 -15.56 22.01 15.65
CA LYS A 26 -16.63 21.81 16.62
C LYS A 26 -17.06 20.35 16.74
N ASP A 27 -16.93 19.56 15.65
CA ASP A 27 -17.33 18.15 15.66
C ASP A 27 -16.76 17.38 16.88
N PRO A 28 -17.63 16.82 17.76
CA PRO A 28 -17.13 16.10 18.94
C PRO A 28 -16.38 14.80 18.60
N GLU A 29 -16.60 14.22 17.39
CA GLU A 29 -15.89 13.02 16.99
C GLU A 29 -14.42 13.35 16.78
N VAL A 30 -14.15 14.55 16.22
CA VAL A 30 -12.81 15.07 15.96
C VAL A 30 -12.08 15.32 17.27
N GLN A 31 -12.77 15.93 18.22
CA GLN A 31 -12.14 16.19 19.50
C GLN A 31 -11.96 14.93 20.33
N ASP A 32 -12.92 13.98 20.24
CA ASP A 32 -12.84 12.69 20.94
C ASP A 32 -11.70 11.89 20.34
N PHE A 33 -11.54 11.94 19.00
CA PHE A 33 -10.46 11.21 18.35
C PHE A 33 -9.15 11.71 18.88
N ARG A 34 -8.90 13.02 18.78
CA ARG A 34 -7.65 13.62 19.24
C ARG A 34 -7.25 13.20 20.65
N ARG A 35 -8.24 13.21 21.58
CA ARG A 35 -8.04 12.85 22.98
C ARG A 35 -7.83 11.35 23.14
N ASN A 36 -8.80 10.50 22.72
CA ASN A 36 -8.79 9.05 22.86
C ASN A 36 -7.65 8.29 22.14
N ILE A 37 -7.14 8.81 21.08
CA ILE A 37 -6.06 8.13 20.36
C ILE A 37 -4.75 8.13 21.18
N LEU A 38 -4.62 9.10 22.11
CA LEU A 38 -3.41 9.29 22.93
C LEU A 38 -3.04 8.10 23.73
N ASN A 39 -3.95 7.15 23.85
CA ASN A 39 -3.62 5.94 24.58
C ASN A 39 -2.68 5.06 23.70
N VAL A 40 -2.79 5.14 22.36
CA VAL A 40 -1.89 4.43 21.44
C VAL A 40 -0.49 5.05 21.58
N CYS A 41 -0.43 6.38 21.63
CA CYS A 41 0.80 7.16 21.82
C CYS A 41 1.50 6.71 23.11
N LYS A 42 0.77 6.69 24.27
CA LYS A 42 1.27 6.28 25.59
C LYS A 42 1.86 4.88 25.50
N GLU A 43 1.07 3.92 24.99
CA GLU A 43 1.44 2.51 24.88
C GLU A 43 2.72 2.32 24.09
N ALA A 44 2.80 2.94 22.89
CA ALA A 44 3.96 2.84 22.02
C ALA A 44 5.20 3.39 22.69
N VAL A 45 5.11 4.58 23.33
CA VAL A 45 6.23 5.20 24.05
C VAL A 45 6.76 4.32 25.21
N ASP A 46 5.85 3.65 25.94
CA ASP A 46 6.18 2.74 27.02
C ASP A 46 7.00 1.57 26.49
N LEU A 47 6.61 1.00 25.32
CA LEU A 47 7.31 -0.13 24.67
C LEU A 47 8.74 0.26 24.27
N ARG A 48 8.93 1.53 23.86
CA ARG A 48 10.23 2.07 23.49
C ARG A 48 11.11 2.34 24.68
N ASP A 49 10.50 2.57 25.85
CA ASP A 49 11.26 2.81 27.06
C ASP A 49 11.40 1.56 27.90
N LEU A 50 10.76 0.44 27.47
CA LEU A 50 10.75 -0.86 28.17
C LEU A 50 12.15 -1.31 28.62
N ASN A 51 13.03 -1.55 27.66
CA ASN A 51 14.40 -1.96 27.92
C ASN A 51 15.30 -0.90 27.29
N SER A 52 15.41 0.29 27.91
CA SER A 52 16.30 1.32 27.33
C SER A 52 17.78 0.88 27.58
N PRO A 53 18.74 1.23 26.70
CA PRO A 53 18.65 2.00 25.46
C PRO A 53 18.22 1.16 24.25
N HIS A 54 18.50 -0.15 24.30
CA HIS A 54 18.26 -1.13 23.24
C HIS A 54 16.88 -1.04 22.58
N SER A 55 15.81 -1.00 23.36
CA SER A 55 14.47 -0.93 22.79
C SER A 55 14.18 0.37 22.03
N ARG A 56 14.91 1.47 22.37
CA ARG A 56 14.81 2.78 21.70
C ARG A 56 15.60 2.68 20.38
N ALA A 57 16.77 1.99 20.40
CA ALA A 57 17.59 1.74 19.24
C ALA A 57 16.88 0.79 18.28
N MET A 58 16.12 -0.19 18.80
CA MET A 58 15.30 -1.13 17.99
C MET A 58 14.15 -0.39 17.27
N TYR A 59 13.59 0.66 17.89
CA TYR A 59 12.53 1.49 17.31
C TYR A 59 13.12 2.30 16.15
N VAL A 60 14.30 2.93 16.38
CA VAL A 60 15.00 3.78 15.42
C VAL A 60 15.63 2.97 14.27
N TYR A 61 16.30 1.84 14.61
CA TYR A 61 16.98 0.97 13.65
C TYR A 61 16.43 -0.46 13.71
N PRO A 62 15.15 -0.67 13.29
CA PRO A 62 14.60 -2.04 13.34
C PRO A 62 15.29 -2.97 12.36
N PRO A 63 15.40 -4.28 12.69
CA PRO A 63 16.07 -5.21 11.79
C PRO A 63 15.36 -5.36 10.44
N ASN A 64 16.10 -5.06 9.36
CA ASN A 64 15.55 -5.23 8.02
C ASN A 64 15.72 -6.70 7.67
N VAL A 65 14.70 -7.49 8.05
CA VAL A 65 14.66 -8.94 7.95
C VAL A 65 13.53 -9.50 7.07
N GLU A 66 13.75 -10.72 6.55
CA GLU A 66 12.77 -11.46 5.78
C GLU A 66 11.76 -12.08 6.75
N SER A 67 10.58 -12.50 6.25
CA SER A 67 9.55 -13.08 7.12
C SER A 67 9.92 -14.46 7.67
N SER A 68 10.49 -15.34 6.83
CA SER A 68 10.88 -16.69 7.25
C SER A 68 12.39 -16.89 7.28
N PRO A 69 12.92 -17.52 8.36
CA PRO A 69 14.36 -17.85 8.42
C PRO A 69 14.81 -18.83 7.34
N GLU A 70 13.92 -19.76 6.95
CA GLU A 70 14.21 -20.81 5.97
C GLU A 70 14.61 -20.24 4.61
N LEU A 71 15.73 -20.72 4.10
CA LEU A 71 16.32 -20.26 2.85
C LEU A 71 15.95 -21.15 1.68
N PRO A 72 15.41 -20.58 0.55
CA PRO A 72 15.12 -21.39 -0.66
C PRO A 72 16.32 -22.21 -1.13
N LYS A 73 16.03 -23.37 -1.75
CA LYS A 73 16.98 -24.36 -2.24
C LYS A 73 18.10 -23.80 -3.11
N HIS A 74 17.77 -22.98 -4.13
CA HIS A 74 18.76 -22.40 -5.04
C HIS A 74 19.61 -21.31 -4.40
N ILE A 75 19.09 -20.67 -3.33
CA ILE A 75 19.80 -19.64 -2.58
C ILE A 75 20.81 -20.33 -1.64
N TYR A 76 20.40 -21.44 -0.98
CA TYR A 76 21.30 -22.24 -0.13
C TYR A 76 22.44 -22.87 -0.94
N ASN A 77 22.15 -23.24 -2.19
CA ASN A 77 23.12 -23.86 -3.08
C ASN A 77 24.19 -22.86 -3.57
N LYS A 78 23.94 -21.54 -3.39
CA LYS A 78 24.90 -20.48 -3.71
C LYS A 78 25.98 -20.41 -2.63
N LEU A 79 25.64 -20.83 -1.39
CA LEU A 79 26.56 -20.88 -0.27
C LEU A 79 27.56 -22.03 -0.46
N ASP A 80 28.76 -21.88 0.14
CA ASP A 80 29.81 -22.90 0.11
C ASP A 80 29.64 -23.82 1.33
N LYS A 81 28.92 -24.94 1.12
CA LYS A 81 28.59 -25.95 2.13
C LYS A 81 27.82 -25.31 3.30
N GLY A 82 26.83 -24.49 2.95
CA GLY A 82 25.98 -23.78 3.90
C GLY A 82 26.66 -22.67 4.68
N GLN A 83 27.77 -22.14 4.11
CA GLN A 83 28.56 -21.08 4.73
C GLN A 83 28.65 -19.86 3.85
N ILE A 84 28.75 -18.70 4.49
CA ILE A 84 28.87 -17.42 3.85
C ILE A 84 30.21 -16.78 4.18
N ILE A 85 30.82 -16.12 3.18
CA ILE A 85 32.05 -15.35 3.34
C ILE A 85 31.58 -13.90 3.60
N VAL A 86 31.94 -13.35 4.78
CA VAL A 86 31.53 -12.01 5.24
C VAL A 86 32.80 -11.18 5.55
N VAL A 87 32.81 -9.88 5.18
CA VAL A 87 33.93 -8.98 5.46
C VAL A 87 33.47 -8.06 6.60
N ILE A 88 34.27 -7.99 7.68
CA ILE A 88 33.97 -7.15 8.82
C ILE A 88 35.04 -6.09 8.96
N TRP A 89 34.62 -4.82 8.83
CA TRP A 89 35.47 -3.64 8.92
C TRP A 89 35.50 -3.05 10.30
N VAL A 90 36.66 -2.58 10.71
CA VAL A 90 36.89 -1.96 12.01
C VAL A 90 37.60 -0.64 11.78
N ILE A 91 37.02 0.48 12.28
CA ILE A 91 37.66 1.80 12.18
C ILE A 91 38.60 1.98 13.37
N VAL A 92 39.90 1.94 13.13
CA VAL A 92 40.88 1.99 14.19
C VAL A 92 41.50 3.39 14.39
N SER A 93 41.40 3.82 15.67
CA SER A 93 41.83 5.04 16.36
C SER A 93 42.21 6.30 15.45
N PRO A 94 43.49 6.58 15.04
CA PRO A 94 43.74 7.83 14.32
C PRO A 94 43.54 7.76 12.82
N ASN A 95 43.34 8.95 12.18
CA ASN A 95 43.13 9.15 10.74
C ASN A 95 41.95 8.31 10.20
N ASN A 96 41.19 7.70 11.13
CA ASN A 96 40.06 6.80 10.87
C ASN A 96 40.42 5.69 9.86
N ASP A 97 41.48 4.91 10.19
CA ASP A 97 41.98 3.80 9.36
C ASP A 97 41.03 2.62 9.38
N LYS A 98 40.74 2.11 8.19
CA LYS A 98 39.83 0.99 7.98
C LYS A 98 40.64 -0.31 7.89
N GLN A 99 40.19 -1.33 8.61
CA GLN A 99 40.84 -2.63 8.61
C GLN A 99 39.80 -3.70 8.33
N LYS A 100 39.98 -4.49 7.24
CA LYS A 100 39.06 -5.57 6.90
C LYS A 100 39.48 -6.94 7.51
N TYR A 101 38.47 -7.75 7.83
CA TYR A 101 38.62 -9.09 8.38
C TYR A 101 37.60 -10.01 7.70
N THR A 102 38.06 -10.82 6.74
CA THR A 102 37.22 -11.75 5.97
C THR A 102 36.96 -13.03 6.77
N LEU A 103 35.69 -13.30 7.07
CA LEU A 103 35.27 -14.46 7.82
C LEU A 103 34.46 -15.42 6.97
N LYS A 104 34.66 -16.73 7.20
CA LYS A 104 33.87 -17.80 6.58
C LYS A 104 33.05 -18.38 7.72
N ILE A 105 31.73 -18.10 7.76
CA ILE A 105 30.85 -18.58 8.85
C ILE A 105 29.52 -19.12 8.34
N ASN A 106 28.83 -19.92 9.18
CA ASN A 106 27.53 -20.51 8.88
C ASN A 106 26.53 -19.41 8.56
N HIS A 107 25.68 -19.65 7.57
CA HIS A 107 24.67 -18.67 7.18
C HIS A 107 23.65 -18.35 8.29
N ASP A 108 23.41 -19.30 9.21
CA ASP A 108 22.48 -19.21 10.33
C ASP A 108 23.04 -18.52 11.60
N CYS A 109 24.27 -17.96 11.55
CA CYS A 109 24.92 -17.27 12.67
C CYS A 109 24.18 -16.07 13.20
N VAL A 110 24.18 -15.88 14.51
CA VAL A 110 23.60 -14.73 15.18
C VAL A 110 24.64 -13.59 15.13
N PRO A 111 24.23 -12.30 14.94
CA PRO A 111 25.19 -11.18 14.95
C PRO A 111 26.27 -11.22 16.05
N GLU A 112 25.90 -11.60 17.29
CA GLU A 112 26.83 -11.68 18.42
C GLU A 112 27.92 -12.75 18.20
N GLN A 113 27.55 -13.85 17.51
CA GLN A 113 28.47 -14.94 17.13
C GLN A 113 29.40 -14.40 16.03
N VAL A 114 28.83 -13.60 15.08
CA VAL A 114 29.57 -12.99 13.97
C VAL A 114 30.62 -12.01 14.53
N ILE A 115 30.23 -11.20 15.55
CA ILE A 115 31.11 -10.23 16.22
C ILE A 115 32.27 -10.98 16.93
N ALA A 116 31.96 -12.10 17.60
CA ALA A 116 32.98 -12.87 18.32
C ALA A 116 34.07 -13.39 17.38
N GLU A 117 33.65 -13.94 16.23
CA GLU A 117 34.54 -14.51 15.20
C GLU A 117 35.48 -13.42 14.65
N ALA A 118 34.95 -12.19 14.45
CA ALA A 118 35.69 -11.02 13.95
C ALA A 118 36.73 -10.54 14.95
N ILE A 119 36.40 -10.58 16.25
CA ILE A 119 37.33 -10.16 17.29
C ILE A 119 38.42 -11.25 17.49
N ARG A 120 38.08 -12.52 17.20
CA ARG A 120 39.02 -13.65 17.24
C ARG A 120 40.06 -13.48 16.14
N LYS A 121 39.63 -13.08 14.92
CA LYS A 121 40.51 -12.83 13.77
C LYS A 121 41.38 -11.61 14.01
N LYS A 122 40.81 -10.59 14.69
CA LYS A 122 41.51 -9.37 15.07
C LYS A 122 42.60 -9.70 16.13
N THR A 123 42.26 -10.57 17.11
CA THR A 123 43.20 -10.99 18.16
C THR A 123 44.16 -12.09 17.72
N ARG A 124 43.88 -12.79 16.59
CA ARG A 124 44.73 -13.86 16.04
C ARG A 124 46.08 -13.30 15.64
N SER A 125 46.09 -12.02 15.17
CA SER A 125 47.25 -11.22 14.75
C SER A 125 48.29 -11.08 15.88
N MET A 126 47.82 -11.05 17.15
CA MET A 126 48.66 -11.03 18.35
C MET A 126 48.52 -12.44 18.91
N LEU A 127 49.33 -13.38 18.36
CA LEU A 127 49.36 -14.82 18.68
C LEU A 127 49.49 -15.18 20.19
N LEU A 128 49.60 -14.17 21.08
CA LEU A 128 49.67 -14.29 22.54
C LEU A 128 48.34 -14.90 23.04
N SER A 129 47.22 -14.31 22.58
CA SER A 129 45.83 -14.67 22.88
C SER A 129 45.52 -16.08 22.33
N SER A 130 45.55 -16.23 20.98
CA SER A 130 45.27 -17.41 20.16
C SER A 130 45.35 -18.78 20.89
N GLU A 131 46.54 -19.19 21.36
CA GLU A 131 46.70 -20.48 22.03
C GLU A 131 46.09 -20.50 23.46
N GLN A 132 46.43 -19.51 24.32
CA GLN A 132 45.93 -19.46 25.70
C GLN A 132 44.83 -18.40 25.93
N LEU A 133 43.57 -18.86 26.14
CA LEU A 133 42.35 -18.09 26.38
C LEU A 133 42.15 -16.94 25.38
N LYS A 134 41.67 -17.28 24.18
CA LYS A 134 41.39 -16.30 23.14
C LYS A 134 40.14 -15.51 23.48
N LEU A 135 39.37 -16.00 24.51
CA LEU A 135 38.11 -15.46 25.01
C LEU A 135 38.07 -13.94 25.13
N CYS A 136 39.15 -13.31 25.67
CA CYS A 136 39.31 -11.85 25.77
C CYS A 136 38.10 -11.14 26.44
N VAL A 137 37.75 -11.56 27.69
CA VAL A 137 36.64 -11.05 28.53
C VAL A 137 35.27 -11.21 27.77
N LEU A 138 34.81 -12.49 27.62
CA LEU A 138 33.59 -12.93 26.88
C LEU A 138 33.56 -12.30 25.47
N GLU A 139 34.76 -11.88 24.99
CA GLU A 139 34.99 -11.19 23.72
C GLU A 139 34.16 -9.89 23.61
N TYR A 140 33.45 -9.52 24.71
CA TYR A 140 32.52 -8.38 24.84
C TYR A 140 31.78 -8.13 23.50
N GLN A 141 31.04 -9.17 23.05
CA GLN A 141 30.17 -9.21 21.87
C GLN A 141 28.98 -8.29 22.17
N GLY A 142 28.83 -7.96 23.46
CA GLY A 142 27.86 -7.05 24.03
C GLY A 142 28.39 -5.62 24.12
N LYS A 143 29.65 -5.39 23.65
CA LYS A 143 30.26 -4.05 23.59
C LYS A 143 30.21 -3.52 22.14
N TYR A 144 29.82 -4.40 21.19
CA TYR A 144 29.76 -4.08 19.76
C TYR A 144 28.45 -4.49 19.08
N ILE A 145 28.17 -3.86 17.94
CA ILE A 145 27.02 -4.10 17.04
C ILE A 145 27.45 -4.00 15.58
N LEU A 146 26.81 -4.79 14.71
CA LEU A 146 27.13 -4.76 13.28
C LEU A 146 26.25 -3.77 12.53
N LYS A 147 26.89 -2.93 11.72
CA LYS A 147 26.21 -1.95 10.88
C LYS A 147 26.49 -2.32 9.42
N VAL A 148 25.55 -2.05 8.49
CA VAL A 148 25.81 -2.30 7.06
C VAL A 148 26.72 -1.16 6.62
N CYS A 149 27.82 -1.48 5.91
CA CYS A 149 28.72 -0.46 5.37
C CYS A 149 27.99 0.38 4.30
N GLY A 150 28.05 1.70 4.42
CA GLY A 150 27.48 2.64 3.46
C GLY A 150 26.10 3.19 3.77
N CYS A 151 25.39 2.60 4.76
CA CYS A 151 24.05 3.04 5.17
C CYS A 151 23.74 2.78 6.64
N ASP A 152 22.69 3.44 7.14
CA ASP A 152 22.24 3.36 8.52
C ASP A 152 21.30 2.17 8.75
N GLU A 153 21.85 0.98 8.64
CA GLU A 153 21.15 -0.28 8.88
C GLU A 153 21.94 -1.08 9.89
N TYR A 154 21.28 -1.45 11.01
CA TYR A 154 21.97 -2.18 12.09
C TYR A 154 21.37 -3.54 12.32
N PHE A 155 22.19 -4.44 12.85
CA PHE A 155 21.86 -5.82 13.12
C PHE A 155 21.73 -5.92 14.64
N LEU A 156 20.67 -5.28 15.17
CA LEU A 156 20.50 -5.17 16.63
C LEU A 156 19.82 -6.37 17.28
N GLU A 157 19.12 -7.22 16.48
CA GLU A 157 18.36 -8.36 16.98
C GLU A 157 18.99 -9.74 16.64
N LYS A 158 18.76 -10.73 17.54
CA LYS A 158 19.24 -12.10 17.51
C LYS A 158 18.59 -12.92 16.39
N TYR A 159 18.74 -12.51 15.14
CA TYR A 159 18.21 -13.28 14.00
C TYR A 159 19.35 -14.02 13.35
N PRO A 160 19.09 -15.11 12.60
CA PRO A 160 20.18 -15.70 11.79
C PRO A 160 20.57 -14.70 10.70
N LEU A 161 21.87 -14.51 10.49
CA LEU A 161 22.46 -13.55 9.56
C LEU A 161 21.81 -13.56 8.15
N SER A 162 21.48 -14.76 7.63
CA SER A 162 20.85 -14.95 6.32
C SER A 162 19.41 -14.39 6.25
N GLN A 163 18.73 -14.22 7.40
CA GLN A 163 17.37 -13.67 7.42
C GLN A 163 17.35 -12.17 7.16
N TYR A 164 18.47 -11.47 7.49
CA TYR A 164 18.61 -10.03 7.21
C TYR A 164 18.62 -9.83 5.67
N LYS A 165 17.75 -8.94 5.17
CA LYS A 165 17.56 -8.71 3.74
C LYS A 165 18.82 -8.40 3.00
N TYR A 166 19.74 -7.62 3.62
CA TYR A 166 21.02 -7.24 3.02
C TYR A 166 21.88 -8.49 2.74
N ILE A 167 21.91 -9.47 3.68
CA ILE A 167 22.69 -10.71 3.53
C ILE A 167 22.06 -11.64 2.50
N ARG A 168 20.72 -11.84 2.54
CA ARG A 168 20.02 -12.66 1.55
C ARG A 168 20.22 -12.09 0.14
N SER A 169 20.16 -10.75 0.02
CA SER A 169 20.42 -10.08 -1.24
C SER A 169 21.86 -10.37 -1.68
N CYS A 170 22.84 -10.28 -0.75
CA CYS A 170 24.27 -10.57 -1.03
C CYS A 170 24.49 -11.98 -1.54
N ILE A 171 23.73 -12.94 -0.97
CA ILE A 171 23.79 -14.35 -1.35
C ILE A 171 23.26 -14.51 -2.77
N MET A 172 22.05 -13.99 -3.01
CA MET A 172 21.36 -14.06 -4.30
C MET A 172 22.16 -13.45 -5.44
N LEU A 173 22.71 -12.26 -5.21
CA LEU A 173 23.43 -11.51 -6.24
C LEU A 173 24.90 -11.86 -6.36
N GLY A 174 25.39 -12.73 -5.48
CA GLY A 174 26.79 -13.14 -5.43
C GLY A 174 27.71 -11.98 -5.08
N ARG A 175 27.25 -11.13 -4.14
CA ARG A 175 27.97 -9.96 -3.66
C ARG A 175 28.54 -10.27 -2.27
N MET A 176 29.66 -9.60 -1.92
CA MET A 176 30.33 -9.79 -0.63
C MET A 176 29.69 -8.88 0.45
N PRO A 177 29.12 -9.45 1.55
CA PRO A 177 28.56 -8.58 2.59
C PRO A 177 29.68 -7.86 3.35
N ASN A 178 29.57 -6.51 3.42
CA ASN A 178 30.55 -5.66 4.10
C ASN A 178 29.84 -5.04 5.25
N LEU A 179 30.23 -5.47 6.44
CA LEU A 179 29.66 -4.98 7.68
C LEU A 179 30.70 -4.23 8.45
N MET A 180 30.26 -3.27 9.23
CA MET A 180 31.16 -2.49 10.05
C MET A 180 30.85 -2.74 11.50
N LEU A 181 31.90 -3.04 12.25
CA LEU A 181 31.85 -3.25 13.68
C LEU A 181 31.89 -1.88 14.37
N MET A 182 30.80 -1.55 15.08
CA MET A 182 30.63 -0.28 15.78
C MET A 182 30.37 -0.55 17.26
N ALA A 183 30.90 0.30 18.16
CA ALA A 183 30.69 0.12 19.61
C ALA A 183 29.24 0.44 19.96
N LYS A 184 28.60 -0.37 20.85
CA LYS A 184 27.20 -0.18 21.25
C LYS A 184 26.96 1.18 21.82
N GLU A 185 27.88 1.65 22.68
CA GLU A 185 27.78 2.95 23.34
C GLU A 185 27.91 4.13 22.37
N SER A 186 28.59 3.93 21.21
CA SER A 186 28.73 4.93 20.13
C SER A 186 27.40 5.16 19.43
N LEU A 187 26.60 4.07 19.26
CA LEU A 187 25.27 4.18 18.67
C LEU A 187 24.30 4.74 19.69
N TYR A 188 24.23 4.14 20.91
CA TYR A 188 23.32 4.55 22.00
C TYR A 188 23.39 6.04 22.35
N SER A 189 24.63 6.58 22.47
CA SER A 189 24.84 7.98 22.79
C SER A 189 24.28 8.92 21.69
N GLN A 190 24.36 8.49 20.42
CA GLN A 190 23.84 9.20 19.22
C GLN A 190 22.29 9.31 19.28
N LEU A 191 21.65 8.31 19.92
CA LEU A 191 20.21 8.15 20.10
C LEU A 191 19.70 8.98 21.32
N PRO A 192 18.92 10.07 21.09
CA PRO A 192 18.44 10.87 22.23
C PRO A 192 17.20 10.29 22.90
N MET A 193 17.02 10.61 24.19
CA MET A 193 15.84 10.14 24.91
C MET A 193 14.65 11.00 24.58
N ASP A 194 13.59 10.33 24.12
CA ASP A 194 12.30 10.89 23.73
C ASP A 194 11.53 11.28 25.01
N CYS A 195 11.00 12.51 25.00
CA CYS A 195 10.21 13.10 26.09
C CYS A 195 8.77 13.36 25.62
N PHE A 196 7.94 12.29 25.58
CA PHE A 196 6.55 12.37 25.18
C PHE A 196 5.78 13.05 26.27
N THR A 197 5.10 14.16 25.92
CA THR A 197 4.27 14.92 26.86
C THR A 197 2.84 14.86 26.35
N MET A 198 1.89 14.78 27.27
CA MET A 198 0.49 14.76 26.90
C MET A 198 0.08 16.21 26.53
N PRO A 199 -0.65 16.41 25.41
CA PRO A 199 -1.04 17.76 25.02
C PRO A 199 -2.14 18.32 25.89
N SER A 200 -2.41 19.63 25.80
CA SER A 200 -3.43 20.31 26.62
C SER A 200 -4.85 19.78 26.43
N TYR A 201 -5.16 19.26 25.23
CA TYR A 201 -6.49 18.74 24.93
C TYR A 201 -6.77 17.40 25.58
N SER A 202 -5.74 16.79 26.20
CA SER A 202 -5.93 15.53 26.91
C SER A 202 -6.57 15.74 28.28
N ARG A 203 -6.81 17.02 28.67
CA ARG A 203 -7.47 17.39 29.93
C ARG A 203 -9.01 17.51 29.73
N ARG A 204 -9.46 18.01 28.55
CA ARG A 204 -10.88 18.22 28.18
C ARG A 204 -11.71 16.94 28.21
N THR A 218 -32.28 6.41 27.42
CA THR A 218 -31.59 5.66 26.36
C THR A 218 -32.36 4.36 26.06
N LYS A 219 -32.87 4.20 24.82
CA LYS A 219 -33.61 3.00 24.37
C LYS A 219 -32.86 2.22 23.27
N SER A 220 -33.09 0.89 23.19
CA SER A 220 -32.44 0.04 22.19
C SER A 220 -33.12 0.19 20.83
N LEU A 221 -32.35 0.02 19.75
CA LEU A 221 -32.79 0.08 18.35
C LEU A 221 -33.86 -0.99 18.07
N TRP A 222 -33.72 -2.18 18.68
CA TRP A 222 -34.61 -3.30 18.46
C TRP A 222 -35.98 -3.17 19.15
N VAL A 223 -36.13 -2.19 20.08
CA VAL A 223 -37.39 -1.98 20.78
C VAL A 223 -38.26 -0.91 20.07
N ILE A 224 -37.94 -0.60 18.79
CA ILE A 224 -38.61 0.39 17.94
C ILE A 224 -39.41 -0.31 16.83
N ASN A 225 -40.69 -0.67 17.09
CA ASN A 225 -41.57 -1.32 16.12
C ASN A 225 -42.03 -0.24 15.12
N SER A 226 -41.13 0.11 14.16
CA SER A 226 -41.34 1.18 13.17
C SER A 226 -40.49 1.02 11.92
N ALA A 227 -41.02 1.48 10.75
CA ALA A 227 -40.32 1.54 9.46
C ALA A 227 -39.50 2.83 9.40
N LEU A 228 -38.44 2.85 8.60
CA LEU A 228 -37.57 4.02 8.52
C LEU A 228 -38.20 5.18 7.74
N ARG A 229 -38.02 6.41 8.26
CA ARG A 229 -38.40 7.62 7.55
C ARG A 229 -37.33 8.72 7.72
N ILE A 230 -37.08 9.45 6.64
CA ILE A 230 -36.10 10.54 6.60
C ILE A 230 -36.74 11.72 5.87
N LYS A 231 -36.62 12.91 6.46
CA LYS A 231 -37.18 14.12 5.88
C LYS A 231 -36.13 14.91 5.11
N ILE A 232 -36.47 15.31 3.87
CA ILE A 232 -35.67 16.18 3.02
C ILE A 232 -36.34 17.57 3.11
N LEU A 233 -35.67 18.55 3.73
CA LEU A 233 -36.23 19.90 3.93
C LEU A 233 -36.03 20.77 2.71
N CYS A 234 -34.79 21.16 2.44
CA CYS A 234 -34.43 22.06 1.34
C CYS A 234 -32.94 22.00 1.02
N ALA A 235 -32.55 22.67 -0.08
CA ALA A 235 -31.18 22.78 -0.51
C ALA A 235 -30.81 24.24 -0.74
N THR A 236 -29.54 24.58 -0.46
CA THR A 236 -28.94 25.90 -0.68
C THR A 236 -27.66 25.74 -1.49
N TYR A 237 -27.17 26.83 -2.10
CA TYR A 237 -25.98 26.86 -2.98
C TYR A 237 -26.15 25.93 -4.21
N VAL A 238 -27.39 25.82 -4.71
CA VAL A 238 -27.74 25.04 -5.89
C VAL A 238 -27.74 26.05 -7.00
N ASN A 239 -26.54 26.33 -7.55
CA ASN A 239 -26.36 27.34 -8.61
C ASN A 239 -26.34 26.73 -10.03
N VAL A 240 -27.54 26.50 -10.60
CA VAL A 240 -27.66 25.88 -11.92
C VAL A 240 -28.15 26.83 -12.99
N ASN A 241 -27.84 26.52 -14.26
CA ASN A 241 -28.31 27.36 -15.35
C ASN A 241 -29.81 27.24 -15.49
N ILE A 242 -30.49 28.39 -15.31
CA ILE A 242 -31.94 28.61 -15.37
C ILE A 242 -32.51 28.20 -16.75
N ARG A 243 -31.80 28.55 -17.86
CA ARG A 243 -32.13 28.25 -19.27
C ARG A 243 -32.11 26.71 -19.56
N ASP A 244 -31.04 26.00 -19.13
CA ASP A 244 -30.89 24.54 -19.30
C ASP A 244 -31.91 23.73 -18.46
N ILE A 245 -31.66 23.54 -17.14
CA ILE A 245 -32.46 22.77 -16.17
C ILE A 245 -33.94 23.20 -16.12
N ASP A 246 -34.86 22.21 -16.05
CA ASP A 246 -36.30 22.43 -15.97
C ASP A 246 -36.75 22.27 -14.52
N LYS A 247 -36.46 21.10 -13.93
CA LYS A 247 -36.80 20.75 -12.56
C LYS A 247 -35.62 20.00 -11.89
N ILE A 248 -35.66 19.85 -10.54
CA ILE A 248 -34.67 19.12 -9.73
C ILE A 248 -35.36 18.27 -8.69
N TYR A 249 -34.63 17.26 -8.17
CA TYR A 249 -35.12 16.37 -7.13
C TYR A 249 -33.94 15.73 -6.35
N VAL A 250 -34.21 15.25 -5.14
CA VAL A 250 -33.23 14.58 -4.32
C VAL A 250 -33.51 13.09 -4.42
N ARG A 251 -32.55 12.34 -4.96
CA ARG A 251 -32.59 10.88 -5.00
C ARG A 251 -31.93 10.39 -3.71
N THR A 252 -32.50 9.34 -3.06
CA THR A 252 -31.95 8.75 -1.83
C THR A 252 -32.00 7.23 -1.86
N GLY A 253 -31.16 6.60 -1.04
CA GLY A 253 -31.08 5.16 -0.89
C GLY A 253 -30.41 4.76 0.41
N ILE A 254 -30.75 3.56 0.91
CA ILE A 254 -30.16 3.01 2.15
C ILE A 254 -29.24 1.87 1.73
N TYR A 255 -27.96 1.99 2.09
CA TYR A 255 -26.89 1.09 1.70
C TYR A 255 -26.07 0.54 2.84
N HIS A 256 -25.54 -0.67 2.64
CA HIS A 256 -24.58 -1.33 3.51
C HIS A 256 -23.40 -1.56 2.58
N GLY A 257 -22.42 -0.68 2.66
CA GLY A 257 -21.32 -0.78 1.72
C GLY A 257 -21.84 -0.35 0.36
N GLY A 258 -21.57 -1.14 -0.67
CA GLY A 258 -22.03 -0.83 -2.02
C GLY A 258 -23.37 -1.46 -2.36
N GLU A 259 -23.98 -2.16 -1.39
CA GLU A 259 -25.22 -2.89 -1.65
C GLU A 259 -26.45 -2.28 -1.00
N PRO A 260 -27.55 -2.11 -1.77
CA PRO A 260 -28.77 -1.50 -1.21
C PRO A 260 -29.51 -2.46 -0.32
N LEU A 261 -30.06 -1.94 0.78
CA LEU A 261 -30.83 -2.69 1.76
C LEU A 261 -32.33 -2.65 1.44
N CYS A 262 -32.72 -1.73 0.54
CA CYS A 262 -34.09 -1.53 0.06
C CYS A 262 -34.08 -0.68 -1.22
N ASP A 263 -35.24 -0.53 -1.87
CA ASP A 263 -35.35 0.27 -3.07
C ASP A 263 -35.10 1.74 -2.78
N ASN A 264 -34.54 2.45 -3.77
CA ASN A 264 -34.26 3.89 -3.70
C ASN A 264 -35.53 4.74 -3.74
N VAL A 265 -35.60 5.79 -2.89
CA VAL A 265 -36.75 6.71 -2.78
C VAL A 265 -36.38 8.12 -3.27
N ASN A 266 -37.16 8.70 -4.21
CA ASN A 266 -36.95 10.05 -4.73
C ASN A 266 -37.97 11.02 -4.14
N THR A 267 -37.60 12.30 -4.08
CA THR A 267 -38.52 13.36 -3.68
C THR A 267 -39.30 13.73 -4.94
N GLN A 268 -40.35 14.54 -4.79
CA GLN A 268 -41.14 15.04 -5.91
C GLN A 268 -40.22 16.03 -6.68
N ARG A 269 -40.47 16.19 -8.00
CA ARG A 269 -39.70 17.13 -8.84
C ARG A 269 -40.15 18.57 -8.52
N VAL A 270 -39.18 19.44 -8.22
CA VAL A 270 -39.43 20.84 -7.88
C VAL A 270 -38.60 21.77 -8.80
N PRO A 271 -39.06 23.01 -9.11
CA PRO A 271 -38.26 23.88 -9.97
C PRO A 271 -36.99 24.32 -9.26
N CYS A 272 -35.87 24.36 -9.99
CA CYS A 272 -34.51 24.69 -9.53
C CYS A 272 -34.39 26.06 -8.84
N SER A 273 -35.35 26.99 -9.14
CA SER A 273 -35.42 28.33 -8.58
C SER A 273 -35.66 28.26 -7.08
N ASN A 274 -36.58 27.37 -6.64
CA ASN A 274 -36.94 27.17 -5.24
C ASN A 274 -36.83 25.70 -4.77
N PRO A 275 -35.60 25.22 -4.44
CA PRO A 275 -35.45 23.83 -3.97
C PRO A 275 -35.88 23.66 -2.50
N ARG A 276 -37.20 23.52 -2.28
CA ARG A 276 -37.80 23.31 -0.96
C ARG A 276 -38.85 22.19 -1.06
N TRP A 277 -38.48 20.98 -0.63
CA TRP A 277 -39.30 19.78 -0.72
C TRP A 277 -40.18 19.54 0.49
N ASN A 278 -39.57 19.53 1.71
CA ASN A 278 -40.26 19.29 3.01
C ASN A 278 -41.02 17.95 3.05
N GLU A 279 -40.51 16.92 2.34
CA GLU A 279 -41.14 15.61 2.24
C GLU A 279 -40.51 14.56 3.16
N TRP A 280 -41.38 13.76 3.78
CA TRP A 280 -40.94 12.63 4.60
C TRP A 280 -40.85 11.44 3.65
N LEU A 281 -39.61 11.00 3.35
CA LEU A 281 -39.38 9.85 2.48
C LEU A 281 -39.48 8.58 3.31
N ASN A 282 -40.33 7.63 2.85
CA ASN A 282 -40.58 6.36 3.53
C ASN A 282 -39.84 5.20 2.84
N TYR A 283 -39.00 4.48 3.62
CA TYR A 283 -38.17 3.37 3.13
C TYR A 283 -38.70 2.00 3.49
N ASP A 284 -38.35 1.01 2.64
CA ASP A 284 -38.68 -0.42 2.71
C ASP A 284 -37.79 -1.20 3.72
N ILE A 285 -37.65 -0.68 4.98
CA ILE A 285 -36.81 -1.30 6.00
C ILE A 285 -37.37 -1.06 7.41
N TYR A 286 -37.39 -2.13 8.21
CA TYR A 286 -37.79 -2.12 9.62
C TYR A 286 -36.57 -1.55 10.36
N ILE A 287 -36.76 -0.54 11.23
CA ILE A 287 -35.67 0.14 11.97
C ILE A 287 -34.78 -0.88 12.74
N PRO A 288 -35.34 -1.86 13.51
CA PRO A 288 -34.50 -2.89 14.15
C PRO A 288 -33.62 -3.71 13.19
N ASP A 289 -34.01 -3.82 11.88
CA ASP A 289 -33.25 -4.54 10.84
C ASP A 289 -32.09 -3.74 10.22
N LEU A 290 -31.92 -2.46 10.60
CA LEU A 290 -30.84 -1.61 10.11
C LEU A 290 -29.51 -2.17 10.63
N PRO A 291 -28.58 -2.60 9.73
CA PRO A 291 -27.29 -3.11 10.20
C PRO A 291 -26.44 -1.97 10.75
N ARG A 292 -25.45 -2.29 11.62
CA ARG A 292 -24.59 -1.27 12.23
C ARG A 292 -23.99 -0.30 11.24
N ALA A 293 -23.51 -0.79 10.09
CA ALA A 293 -22.87 0.08 9.09
C ALA A 293 -23.81 0.66 7.99
N ALA A 294 -25.10 0.76 8.30
CA ALA A 294 -26.08 1.29 7.34
C ALA A 294 -25.81 2.76 7.12
N ARG A 295 -25.96 3.22 5.86
CA ARG A 295 -25.73 4.62 5.46
C ARG A 295 -26.80 5.16 4.52
N LEU A 296 -27.16 6.43 4.68
CA LEU A 296 -28.07 7.11 3.77
C LEU A 296 -27.19 7.66 2.63
N CYS A 297 -27.51 7.31 1.38
CA CYS A 297 -26.83 7.82 0.21
C CYS A 297 -27.80 8.67 -0.52
N LEU A 298 -27.39 9.87 -0.89
CA LEU A 298 -28.28 10.80 -1.58
C LEU A 298 -27.54 11.62 -2.64
N SER A 299 -28.33 12.31 -3.48
CA SER A 299 -27.83 13.17 -4.55
C SER A 299 -28.92 14.10 -5.06
N ILE A 300 -28.54 15.32 -5.47
CA ILE A 300 -29.46 16.29 -6.10
C ILE A 300 -29.33 16.05 -7.59
N CYS A 301 -30.43 15.68 -8.25
CA CYS A 301 -30.45 15.42 -9.67
C CYS A 301 -31.29 16.44 -10.41
N SER A 302 -31.04 16.59 -11.71
CA SER A 302 -31.82 17.46 -12.59
C SER A 302 -32.48 16.59 -13.64
N VAL A 303 -33.69 16.97 -14.04
CA VAL A 303 -34.42 16.24 -15.06
C VAL A 303 -34.78 17.21 -16.19
N LYS A 304 -34.14 17.02 -17.35
CA LYS A 304 -34.34 17.88 -18.51
C LYS A 304 -34.93 17.07 -19.70
N GLY A 305 -34.52 17.41 -20.92
CA GLY A 305 -34.97 16.78 -22.16
C GLY A 305 -35.69 17.74 -23.08
N ARG A 306 -36.74 17.29 -23.76
CA ARG A 306 -37.22 15.90 -23.78
C ARG A 306 -37.07 15.38 -25.21
N LYS A 307 -37.51 16.20 -26.22
CA LYS A 307 -37.43 15.97 -27.68
C LYS A 307 -38.29 14.76 -28.10
N GLY A 308 -39.14 14.30 -27.18
CA GLY A 308 -39.98 13.14 -27.37
C GLY A 308 -39.17 11.87 -27.15
N ALA A 309 -38.27 11.90 -26.15
CA ALA A 309 -37.38 10.81 -25.78
C ALA A 309 -37.46 10.52 -24.27
N LYS A 310 -36.76 9.46 -23.80
CA LYS A 310 -36.69 9.06 -22.38
C LYS A 310 -36.14 10.22 -21.53
N GLU A 311 -36.84 10.55 -20.43
CA GLU A 311 -36.51 11.65 -19.49
C GLU A 311 -35.04 11.68 -19.09
N GLU A 312 -34.40 12.85 -19.38
CA GLU A 312 -32.99 13.19 -19.22
C GLU A 312 -32.50 13.46 -17.76
N HIS A 313 -32.20 12.39 -16.98
CA HIS A 313 -31.71 12.56 -15.61
C HIS A 313 -30.23 12.81 -15.60
N CYS A 314 -29.75 13.59 -14.62
CA CYS A 314 -28.34 13.98 -14.46
C CYS A 314 -28.03 14.34 -13.00
N PRO A 315 -27.05 13.68 -12.34
CA PRO A 315 -26.72 14.06 -10.97
C PRO A 315 -25.91 15.35 -10.94
N LEU A 316 -26.27 16.28 -10.04
CA LEU A 316 -25.59 17.58 -9.90
C LEU A 316 -24.55 17.51 -8.80
N ALA A 317 -24.93 16.89 -7.66
CA ALA A 317 -24.07 16.71 -6.49
C ALA A 317 -24.50 15.50 -5.72
N TRP A 318 -23.59 14.94 -4.91
CA TRP A 318 -23.86 13.74 -4.11
C TRP A 318 -23.38 13.86 -2.66
N GLY A 319 -23.90 13.02 -1.80
CA GLY A 319 -23.50 12.96 -0.40
C GLY A 319 -23.99 11.70 0.28
N ASN A 320 -23.16 11.13 1.20
CA ASN A 320 -23.51 9.97 2.00
C ASN A 320 -23.34 10.29 3.50
N ILE A 321 -24.22 9.69 4.33
CA ILE A 321 -24.27 9.86 5.79
C ILE A 321 -24.42 8.53 6.54
N ASN A 322 -23.65 8.36 7.63
CA ASN A 322 -23.77 7.18 8.46
C ASN A 322 -25.08 7.31 9.26
N LEU A 323 -25.94 6.28 9.22
CA LEU A 323 -27.23 6.31 9.91
C LEU A 323 -27.04 6.20 11.41
N PHE A 324 -25.86 5.71 11.84
CA PHE A 324 -25.48 5.63 13.24
C PHE A 324 -24.21 6.45 13.40
N ASP A 325 -24.13 7.22 14.47
CA ASP A 325 -22.93 8.02 14.75
C ASP A 325 -21.84 7.17 15.45
N TYR A 326 -20.67 7.77 15.75
CA TYR A 326 -19.55 7.09 16.36
C TYR A 326 -19.84 6.51 17.71
N THR A 327 -20.82 7.05 18.41
CA THR A 327 -21.20 6.58 19.75
C THR A 327 -22.29 5.49 19.71
N ASP A 328 -22.53 4.86 18.53
CA ASP A 328 -23.57 3.83 18.29
C ASP A 328 -25.00 4.39 18.37
N THR A 329 -25.12 5.75 18.37
CA THR A 329 -26.40 6.43 18.44
C THR A 329 -27.03 6.53 17.06
N LEU A 330 -28.30 6.14 16.94
CA LEU A 330 -29.03 6.28 15.68
C LEU A 330 -29.26 7.78 15.49
N VAL A 331 -28.81 8.33 14.34
CA VAL A 331 -28.87 9.75 14.00
C VAL A 331 -30.29 10.22 14.08
N SER A 332 -30.48 11.30 14.85
CA SER A 332 -31.77 11.91 15.09
C SER A 332 -31.68 13.43 15.06
N GLY A 333 -32.78 14.06 14.71
CA GLY A 333 -32.84 15.51 14.66
C GLY A 333 -32.51 16.09 13.30
N LYS A 334 -32.28 17.42 13.29
CA LYS A 334 -31.94 18.18 12.10
C LYS A 334 -30.47 18.01 11.77
N MET A 335 -30.15 18.01 10.47
CA MET A 335 -28.78 17.82 9.98
C MET A 335 -28.64 18.37 8.59
N ALA A 336 -27.55 19.08 8.33
CA ALA A 336 -27.28 19.63 7.00
C ALA A 336 -25.98 19.10 6.46
N LEU A 337 -26.06 18.62 5.22
CA LEU A 337 -24.96 17.99 4.53
C LEU A 337 -24.55 18.81 3.31
N ASN A 338 -23.29 19.30 3.32
CA ASN A 338 -22.68 19.99 2.18
C ASN A 338 -22.19 18.90 1.23
N LEU A 339 -22.75 18.87 0.03
CA LEU A 339 -22.52 17.84 -0.98
C LEU A 339 -21.23 18.01 -1.79
N TRP A 340 -20.86 16.93 -2.50
CA TRP A 340 -19.66 16.82 -3.31
C TRP A 340 -19.98 16.88 -4.80
N PRO A 341 -19.00 17.28 -5.63
CA PRO A 341 -19.22 17.28 -7.08
C PRO A 341 -19.19 15.85 -7.63
N VAL A 342 -19.91 15.60 -8.74
CA VAL A 342 -19.97 14.27 -9.39
C VAL A 342 -18.62 13.93 -10.06
N PRO A 343 -17.99 12.76 -9.73
CA PRO A 343 -16.72 12.42 -10.38
C PRO A 343 -17.02 11.97 -11.81
N HIS A 344 -16.09 12.28 -12.74
CA HIS A 344 -16.30 11.95 -14.15
C HIS A 344 -16.62 10.47 -14.37
N GLY A 345 -17.68 10.25 -15.15
CA GLY A 345 -18.15 8.94 -15.54
C GLY A 345 -18.81 8.13 -14.45
N LEU A 346 -19.47 8.80 -13.47
CA LEU A 346 -20.19 8.04 -12.45
C LEU A 346 -21.48 7.50 -13.11
N GLU A 347 -21.75 6.18 -12.94
CA GLU A 347 -22.88 5.52 -13.57
C GLU A 347 -24.23 5.93 -12.96
N ASP A 348 -24.68 5.27 -11.87
CA ASP A 348 -25.96 5.62 -11.22
C ASP A 348 -25.94 7.06 -10.69
N LEU A 349 -27.15 7.64 -10.55
CA LEU A 349 -27.41 8.96 -9.98
C LEU A 349 -26.86 9.10 -8.53
N LEU A 350 -26.67 7.95 -7.79
CA LEU A 350 -26.10 7.84 -6.44
C LEU A 350 -24.63 7.38 -6.50
N ASN A 351 -23.87 7.64 -5.42
CA ASN A 351 -22.45 7.28 -5.29
C ASN A 351 -22.17 6.59 -3.96
N PRO A 352 -22.67 5.33 -3.77
CA PRO A 352 -22.47 4.66 -2.47
C PRO A 352 -21.04 4.30 -2.14
N ILE A 353 -20.16 4.22 -3.14
CA ILE A 353 -18.78 3.89 -2.86
C ILE A 353 -18.11 5.13 -2.30
N GLY A 354 -18.62 6.30 -2.72
CA GLY A 354 -18.16 7.61 -2.27
C GLY A 354 -18.03 7.78 -0.77
N VAL A 355 -17.14 8.70 -0.38
CA VAL A 355 -16.78 9.03 1.01
C VAL A 355 -18.00 9.50 1.78
N THR A 356 -18.16 8.96 2.99
CA THR A 356 -19.27 9.37 3.84
C THR A 356 -18.82 10.64 4.60
N GLY A 357 -19.71 11.65 4.69
CA GLY A 357 -19.44 12.91 5.39
C GLY A 357 -19.76 14.17 4.64
N SER A 358 -19.73 15.33 5.35
CA SER A 358 -20.03 16.64 4.78
C SER A 358 -18.79 17.29 4.18
N ASN A 359 -18.96 17.85 2.95
CA ASN A 359 -17.91 18.57 2.22
C ASN A 359 -17.35 19.69 3.08
N PRO A 360 -16.02 19.71 3.34
CA PRO A 360 -15.42 20.81 4.13
C PRO A 360 -15.63 22.18 3.51
N ASN A 361 -15.79 22.25 2.18
CA ASN A 361 -16.10 23.49 1.48
C ASN A 361 -17.57 23.76 1.73
N LYS A 362 -17.87 24.83 2.46
CA LYS A 362 -19.24 25.17 2.84
C LYS A 362 -19.97 26.09 1.83
N GLU A 363 -19.27 26.47 0.74
CA GLU A 363 -19.83 27.24 -0.37
C GLU A 363 -20.12 26.23 -1.49
N THR A 364 -20.91 25.18 -1.20
CA THR A 364 -21.27 24.05 -2.09
C THR A 364 -22.72 23.62 -1.84
N PRO A 365 -23.41 22.89 -2.79
CA PRO A 365 -24.81 22.47 -2.54
C PRO A 365 -24.99 21.89 -1.17
N CYS A 366 -25.94 22.42 -0.43
CA CYS A 366 -26.14 22.04 0.96
C CYS A 366 -27.54 21.60 1.26
N LEU A 367 -27.73 20.28 1.36
CA LEU A 367 -29.03 19.70 1.63
C LEU A 367 -29.30 19.60 3.13
N GLU A 368 -30.47 20.13 3.54
CA GLU A 368 -30.96 20.15 4.90
C GLU A 368 -31.93 18.98 5.08
N LEU A 369 -31.65 18.14 6.07
CA LEU A 369 -32.38 16.92 6.37
C LEU A 369 -32.86 16.93 7.79
N GLU A 370 -33.81 16.06 8.08
CA GLU A 370 -34.32 15.81 9.42
C GLU A 370 -34.62 14.33 9.56
N PHE A 371 -34.13 13.72 10.61
CA PHE A 371 -34.36 12.31 10.91
C PHE A 371 -35.47 12.17 11.94
N ASP A 372 -35.98 10.95 12.16
CA ASP A 372 -37.06 10.73 13.14
C ASP A 372 -36.57 10.90 14.58
N TRP A 373 -37.50 11.00 15.53
CA TRP A 373 -37.22 11.13 16.96
C TRP A 373 -38.14 10.16 17.70
N PHE A 374 -37.57 9.41 18.66
CA PHE A 374 -38.31 8.38 19.38
C PHE A 374 -38.43 8.63 20.91
N SER A 375 -38.44 9.93 21.30
CA SER A 375 -38.59 10.42 22.69
C SER A 375 -37.53 9.87 23.66
N SER A 376 -36.37 9.47 23.10
CA SER A 376 -35.22 8.92 23.83
C SER A 376 -34.02 8.83 22.90
N VAL A 377 -32.83 8.66 23.48
CA VAL A 377 -31.58 8.50 22.73
C VAL A 377 -31.60 7.04 22.25
N VAL A 378 -31.69 6.83 20.92
CA VAL A 378 -31.74 5.47 20.37
C VAL A 378 -30.31 4.99 20.12
N LYS A 379 -29.93 3.85 20.73
CA LYS A 379 -28.60 3.26 20.57
C LYS A 379 -28.65 1.84 20.01
N PHE A 380 -27.58 1.43 19.29
CA PHE A 380 -27.47 0.08 18.71
C PHE A 380 -27.23 -0.93 19.84
N PRO A 381 -27.83 -2.15 19.81
CA PRO A 381 -27.69 -3.08 20.94
C PRO A 381 -26.29 -3.57 21.24
N ASP A 382 -26.08 -3.96 22.50
CA ASP A 382 -24.81 -4.50 23.02
C ASP A 382 -24.63 -5.95 22.54
N MET A 383 -23.40 -6.52 22.64
CA MET A 383 -23.13 -7.89 22.19
C MET A 383 -23.86 -8.93 23.01
N SER A 384 -24.20 -8.59 24.26
CA SER A 384 -24.98 -9.46 25.13
C SER A 384 -26.39 -9.63 24.53
N VAL A 385 -26.98 -8.52 24.03
CA VAL A 385 -28.31 -8.51 23.40
C VAL A 385 -28.27 -9.25 22.06
N ILE A 386 -27.20 -9.07 21.30
CA ILE A 386 -27.02 -9.71 20.00
C ILE A 386 -26.84 -11.22 20.14
N GLU A 387 -25.99 -11.67 21.10
CA GLU A 387 -25.73 -13.11 21.36
C GLU A 387 -26.99 -13.82 21.76
N GLU A 388 -27.74 -13.25 22.72
CA GLU A 388 -29.01 -13.77 23.22
C GLU A 388 -30.04 -13.91 22.12
N HIS A 389 -30.11 -12.93 21.20
CA HIS A 389 -31.05 -12.97 20.09
C HIS A 389 -30.63 -14.02 19.06
N ALA A 390 -29.33 -14.17 18.79
CA ALA A 390 -28.81 -15.17 17.86
C ALA A 390 -29.05 -16.58 18.39
N ASN A 391 -28.83 -16.77 19.71
CA ASN A 391 -29.09 -18.05 20.38
C ASN A 391 -30.59 -18.37 20.37
N TRP A 392 -31.46 -17.32 20.48
CA TRP A 392 -32.92 -17.41 20.46
C TRP A 392 -33.48 -17.61 19.02
N SER A 393 -32.67 -17.34 17.97
CA SER A 393 -33.01 -17.58 16.56
C SER A 393 -32.92 -19.08 16.27
N VAL A 394 -31.99 -19.80 16.97
CA VAL A 394 -31.76 -21.26 16.88
C VAL A 394 -32.98 -21.99 17.51
N SER A 401 -38.71 -29.14 13.17
CA SER A 401 -38.75 -30.47 12.56
C SER A 401 -38.05 -30.48 11.20
N TYR A 402 -37.96 -31.67 10.57
CA TYR A 402 -37.34 -31.86 9.24
C TYR A 402 -38.08 -31.02 8.20
N SER A 403 -39.42 -31.16 8.15
CA SER A 403 -40.31 -30.48 7.21
C SER A 403 -40.36 -28.96 7.42
N HIS A 404 -40.21 -28.48 8.68
CA HIS A 404 -40.20 -27.04 9.00
C HIS A 404 -38.92 -26.40 8.47
N ALA A 405 -37.74 -27.05 8.68
CA ALA A 405 -36.45 -26.59 8.17
C ALA A 405 -36.43 -26.59 6.63
N GLY A 406 -37.19 -27.50 6.05
CA GLY A 406 -37.36 -27.65 4.60
C GLY A 406 -38.13 -26.53 3.92
N LEU A 407 -38.91 -25.72 4.70
CA LEU A 407 -39.69 -24.58 4.19
C LEU A 407 -38.80 -23.43 3.66
N SER A 408 -37.52 -23.37 4.10
CA SER A 408 -36.57 -22.36 3.65
C SER A 408 -35.26 -22.98 3.16
N ASN A 409 -34.78 -22.50 1.99
CA ASN A 409 -33.52 -22.90 1.34
C ASN A 409 -32.34 -22.36 2.14
N ARG A 410 -32.60 -21.36 2.99
CA ARG A 410 -31.64 -20.70 3.88
C ARG A 410 -31.55 -21.41 5.27
N LEU A 411 -32.24 -22.56 5.42
CA LEU A 411 -32.22 -23.41 6.63
C LEU A 411 -31.79 -24.85 6.28
N ALA A 412 -30.75 -25.35 6.98
CA ALA A 412 -30.24 -26.73 6.89
C ALA A 412 -29.89 -27.20 8.31
N ARG A 413 -30.67 -28.19 8.81
CA ARG A 413 -30.58 -28.75 10.17
C ARG A 413 -29.42 -29.77 10.35
N ASP A 414 -29.43 -30.52 11.49
CA ASP A 414 -28.44 -31.54 11.86
C ASP A 414 -28.69 -32.80 11.02
N ASN A 415 -27.62 -33.31 10.38
CA ASN A 415 -27.58 -34.46 9.46
C ASN A 415 -28.10 -34.08 8.04
N GLU A 416 -27.64 -32.91 7.53
CA GLU A 416 -27.98 -32.37 6.20
C GLU A 416 -26.71 -32.04 5.39
N LEU A 417 -25.56 -32.58 5.83
CA LEU A 417 -24.25 -32.37 5.20
C LEU A 417 -23.71 -33.65 4.58
N ARG A 418 -23.96 -33.84 3.29
CA ARG A 418 -23.45 -34.98 2.49
C ARG A 418 -22.01 -34.64 2.08
N GLU A 419 -21.24 -35.63 1.56
CA GLU A 419 -19.84 -35.40 1.18
C GLU A 419 -19.67 -34.55 -0.08
N ASN A 420 -20.70 -34.53 -0.95
CA ASN A 420 -20.67 -33.70 -2.15
C ASN A 420 -20.82 -32.21 -1.83
N ASP A 421 -21.72 -31.85 -0.86
CA ASP A 421 -21.95 -30.47 -0.40
C ASP A 421 -20.70 -29.95 0.31
N LYS A 422 -19.95 -30.83 1.01
CA LYS A 422 -18.72 -30.47 1.71
C LYS A 422 -17.64 -30.10 0.69
N GLU A 423 -17.57 -30.85 -0.43
CA GLU A 423 -16.62 -30.62 -1.51
C GLU A 423 -17.02 -29.42 -2.37
N GLN A 424 -18.35 -29.15 -2.46
CA GLN A 424 -18.95 -28.02 -3.18
C GLN A 424 -18.58 -26.72 -2.50
N LEU A 425 -18.65 -26.68 -1.14
CA LEU A 425 -18.24 -25.54 -0.31
C LEU A 425 -16.75 -25.29 -0.47
N LYS A 426 -15.94 -26.37 -0.52
CA LYS A 426 -14.49 -26.28 -0.73
C LYS A 426 -14.18 -25.68 -2.13
N ALA A 427 -14.90 -26.14 -3.16
CA ALA A 427 -14.76 -25.66 -4.54
C ALA A 427 -15.09 -24.18 -4.64
N ILE A 428 -16.15 -23.72 -3.93
CA ILE A 428 -16.56 -22.32 -3.87
C ILE A 428 -15.47 -21.45 -3.21
N SER A 429 -14.84 -21.96 -2.11
CA SER A 429 -13.82 -21.21 -1.38
C SER A 429 -12.54 -20.93 -2.18
N THR A 430 -12.23 -21.79 -3.18
CA THR A 430 -11.05 -21.65 -4.04
C THR A 430 -11.21 -20.55 -5.11
N ARG A 431 -12.47 -20.20 -5.45
CA ARG A 431 -12.81 -19.20 -6.45
C ARG A 431 -12.33 -17.83 -6.08
N ASP A 432 -11.92 -17.06 -7.08
CA ASP A 432 -11.37 -15.71 -6.90
C ASP A 432 -12.42 -14.68 -6.37
N PRO A 433 -11.94 -13.58 -5.73
CA PRO A 433 -12.87 -12.57 -5.19
C PRO A 433 -13.86 -11.95 -6.19
N LEU A 434 -13.46 -11.84 -7.47
CA LEU A 434 -14.27 -11.26 -8.54
C LEU A 434 -15.24 -12.23 -9.20
N SER A 435 -15.16 -13.53 -8.84
CA SER A 435 -16.06 -14.55 -9.38
C SER A 435 -17.46 -14.33 -8.82
N GLU A 436 -18.49 -14.43 -9.67
CA GLU A 436 -19.84 -14.20 -9.17
C GLU A 436 -20.37 -15.41 -8.45
N ILE A 437 -20.78 -15.18 -7.20
CA ILE A 437 -21.39 -16.20 -6.36
C ILE A 437 -22.89 -15.99 -6.52
N THR A 438 -23.57 -16.98 -7.14
CA THR A 438 -25.01 -16.91 -7.45
C THR A 438 -25.86 -16.88 -6.19
N GLU A 439 -27.15 -16.50 -6.34
CA GLU A 439 -28.08 -16.44 -5.22
C GLU A 439 -28.38 -17.84 -4.68
N GLN A 440 -28.30 -18.87 -5.56
CA GLN A 440 -28.43 -20.28 -5.21
C GLN A 440 -27.26 -20.66 -4.28
N GLU A 441 -26.04 -20.26 -4.65
CA GLU A 441 -24.82 -20.48 -3.88
C GLU A 441 -24.84 -19.72 -2.57
N LYS A 442 -25.41 -18.49 -2.56
CA LYS A 442 -25.55 -17.68 -1.34
C LYS A 442 -26.46 -18.37 -0.31
N ASP A 443 -27.65 -18.88 -0.74
CA ASP A 443 -28.57 -19.64 0.12
C ASP A 443 -27.86 -20.89 0.64
N PHE A 444 -27.10 -21.56 -0.25
CA PHE A 444 -26.34 -22.77 0.03
C PHE A 444 -25.26 -22.52 1.08
N LEU A 445 -24.44 -21.48 0.88
CA LEU A 445 -23.37 -21.13 1.81
C LEU A 445 -23.93 -20.82 3.18
N TRP A 446 -24.99 -19.99 3.23
CA TRP A 446 -25.65 -19.56 4.47
C TRP A 446 -26.29 -20.73 5.22
N SER A 447 -26.93 -21.65 4.50
CA SER A 447 -27.55 -22.83 5.13
C SER A 447 -26.52 -23.78 5.79
N HIS A 448 -25.27 -23.77 5.28
CA HIS A 448 -24.15 -24.57 5.80
C HIS A 448 -23.09 -23.71 6.47
N ARG A 449 -23.51 -22.57 7.07
CA ARG A 449 -22.62 -21.62 7.75
C ARG A 449 -21.81 -22.23 8.91
N HIS A 450 -22.38 -23.20 9.63
CA HIS A 450 -21.69 -23.86 10.74
C HIS A 450 -20.61 -24.80 10.29
N TYR A 451 -20.79 -25.45 9.13
CA TYR A 451 -19.75 -26.30 8.55
C TYR A 451 -18.61 -25.40 7.98
N CYS A 452 -18.96 -24.20 7.46
CA CYS A 452 -18.00 -23.23 6.90
C CYS A 452 -16.85 -22.90 7.86
N VAL A 453 -17.08 -23.02 9.19
CA VAL A 453 -16.08 -22.80 10.23
C VAL A 453 -14.84 -23.72 10.00
N THR A 454 -15.08 -24.96 9.52
CA THR A 454 -14.05 -25.97 9.26
C THR A 454 -13.18 -25.62 8.04
N ILE A 455 -13.64 -24.70 7.17
CA ILE A 455 -12.88 -24.18 6.01
C ILE A 455 -12.82 -22.65 6.23
N PRO A 456 -11.92 -22.18 7.13
CA PRO A 456 -11.96 -20.75 7.52
C PRO A 456 -11.90 -19.73 6.41
N GLU A 457 -11.11 -20.02 5.37
CA GLU A 457 -10.88 -19.13 4.23
C GLU A 457 -12.16 -18.75 3.46
N ILE A 458 -13.25 -19.50 3.63
CA ILE A 458 -14.52 -19.19 2.95
C ILE A 458 -15.27 -17.95 3.55
N LEU A 459 -14.86 -17.43 4.73
CA LEU A 459 -15.54 -16.31 5.37
C LEU A 459 -15.96 -15.17 4.45
N PRO A 460 -15.10 -14.65 3.54
CA PRO A 460 -15.51 -13.53 2.69
C PRO A 460 -16.68 -13.84 1.77
N LYS A 461 -16.78 -15.12 1.31
CA LYS A 461 -17.88 -15.61 0.47
C LYS A 461 -19.17 -15.74 1.33
N LEU A 462 -19.03 -16.27 2.56
CA LEU A 462 -20.14 -16.45 3.52
C LEU A 462 -20.74 -15.10 3.93
N LEU A 463 -19.87 -14.10 4.16
CA LEU A 463 -20.30 -12.76 4.55
C LEU A 463 -21.16 -12.10 3.50
N LEU A 464 -20.79 -12.28 2.21
CA LEU A 464 -21.53 -11.75 1.06
C LEU A 464 -22.84 -12.51 0.81
N SER A 465 -22.99 -13.69 1.42
CA SER A 465 -24.20 -14.50 1.31
C SER A 465 -25.26 -14.07 2.35
N VAL A 466 -24.85 -13.26 3.37
CA VAL A 466 -25.73 -12.75 4.44
C VAL A 466 -26.74 -11.71 3.93
N LYS A 467 -27.99 -11.79 4.44
CA LYS A 467 -29.00 -10.78 4.17
C LYS A 467 -28.80 -9.73 5.28
N TRP A 468 -28.09 -8.65 4.94
CA TRP A 468 -27.71 -7.57 5.87
C TRP A 468 -28.90 -6.75 6.38
N ASN A 469 -30.02 -6.81 5.64
CA ASN A 469 -31.26 -6.15 5.97
C ASN A 469 -32.13 -6.98 6.94
N SER A 470 -31.55 -8.04 7.55
CA SER A 470 -32.24 -8.93 8.49
C SER A 470 -31.43 -9.03 9.78
N ARG A 471 -31.95 -8.50 10.90
CA ARG A 471 -31.24 -8.54 12.19
C ARG A 471 -31.09 -9.96 12.69
N ASP A 472 -32.06 -10.84 12.34
CA ASP A 472 -32.06 -12.25 12.72
C ASP A 472 -30.84 -12.96 12.13
N GLU A 473 -30.54 -12.71 10.84
CA GLU A 473 -29.37 -13.31 10.19
C GLU A 473 -28.04 -12.67 10.67
N VAL A 474 -27.95 -11.33 10.61
CA VAL A 474 -26.78 -10.55 11.01
C VAL A 474 -26.33 -10.92 12.43
N ALA A 475 -27.29 -11.05 13.40
CA ALA A 475 -27.00 -11.44 14.78
C ALA A 475 -26.35 -12.82 14.81
N GLN A 476 -26.81 -13.76 13.97
CA GLN A 476 -26.21 -15.10 13.87
C GLN A 476 -24.82 -15.06 13.25
N MET A 477 -24.64 -14.19 12.26
CA MET A 477 -23.36 -13.98 11.59
C MET A 477 -22.33 -13.36 12.55
N TYR A 478 -22.79 -12.45 13.42
CA TYR A 478 -21.94 -11.79 14.42
C TYR A 478 -21.32 -12.84 15.34
N CYS A 479 -22.13 -13.81 15.79
CA CYS A 479 -21.70 -14.89 16.68
C CYS A 479 -20.72 -15.82 15.97
N LEU A 480 -20.88 -16.00 14.63
CA LEU A 480 -19.96 -16.84 13.85
C LEU A 480 -18.62 -16.17 13.74
N VAL A 481 -18.60 -14.86 13.41
CA VAL A 481 -17.39 -14.04 13.29
C VAL A 481 -16.62 -14.00 14.62
N LYS A 482 -17.36 -13.95 15.77
CA LYS A 482 -16.80 -13.92 17.13
C LYS A 482 -15.85 -15.10 17.37
N ASP A 483 -16.36 -16.31 17.12
CA ASP A 483 -15.63 -17.56 17.30
C ASP A 483 -15.21 -18.11 15.94
N TRP A 484 -14.74 -17.23 15.05
CA TRP A 484 -14.30 -17.67 13.73
C TRP A 484 -12.81 -17.91 13.80
N PRO A 485 -12.32 -19.07 13.28
CA PRO A 485 -10.87 -19.33 13.34
C PRO A 485 -10.06 -18.31 12.54
N PRO A 486 -8.79 -18.10 12.90
CA PRO A 486 -8.01 -17.09 12.17
C PRO A 486 -7.67 -17.53 10.75
N ILE A 487 -7.57 -16.53 9.88
CA ILE A 487 -7.19 -16.68 8.47
C ILE A 487 -5.90 -15.90 8.23
N LYS A 488 -5.20 -16.23 7.13
CA LYS A 488 -3.94 -15.61 6.71
C LYS A 488 -4.09 -14.09 6.56
N PRO A 489 -3.04 -13.31 6.90
CA PRO A 489 -3.14 -11.86 6.75
C PRO A 489 -3.60 -11.46 5.36
N GLU A 490 -3.04 -12.10 4.29
CA GLU A 490 -3.38 -11.85 2.89
C GLU A 490 -4.88 -12.06 2.58
N GLN A 491 -5.51 -13.07 3.23
CA GLN A 491 -6.94 -13.41 3.14
C GLN A 491 -7.78 -12.41 3.97
N ALA A 492 -7.26 -12.01 5.15
CA ALA A 492 -7.88 -11.04 6.04
C ALA A 492 -7.99 -9.66 5.40
N MET A 493 -7.00 -9.26 4.56
CA MET A 493 -6.96 -7.95 3.91
C MET A 493 -8.14 -7.70 3.03
N GLU A 494 -8.67 -8.74 2.37
CA GLU A 494 -9.89 -8.65 1.53
C GLU A 494 -11.10 -8.13 2.34
N LEU A 495 -11.20 -8.54 3.62
CA LEU A 495 -12.25 -8.13 4.56
C LEU A 495 -12.16 -6.65 5.01
N LEU A 496 -11.10 -5.95 4.59
CA LEU A 496 -10.92 -4.53 4.88
C LEU A 496 -11.27 -3.64 3.68
N ASP A 497 -11.64 -4.23 2.51
CA ASP A 497 -12.02 -3.39 1.38
C ASP A 497 -13.47 -2.86 1.54
N CYS A 498 -13.94 -2.08 0.57
CA CYS A 498 -15.24 -1.42 0.53
C CYS A 498 -16.45 -2.35 0.64
N ASN A 499 -16.30 -3.64 0.20
CA ASN A 499 -17.34 -4.70 0.23
C ASN A 499 -17.70 -5.18 1.64
N TYR A 500 -16.85 -4.89 2.62
CA TYR A 500 -17.06 -5.39 3.98
C TYR A 500 -17.07 -4.25 4.98
N PRO A 501 -18.21 -3.53 5.09
CA PRO A 501 -18.25 -2.36 5.99
C PRO A 501 -18.50 -2.64 7.45
N ASP A 502 -19.01 -3.84 7.78
CA ASP A 502 -19.39 -4.19 9.14
C ASP A 502 -18.20 -4.15 10.15
N PRO A 503 -18.33 -3.45 11.31
CA PRO A 503 -17.20 -3.34 12.27
C PRO A 503 -16.74 -4.63 12.90
N MET A 504 -17.65 -5.63 12.99
CA MET A 504 -17.38 -6.95 13.53
C MET A 504 -16.50 -7.70 12.55
N VAL A 505 -16.78 -7.56 11.24
CA VAL A 505 -16.01 -8.21 10.18
C VAL A 505 -14.62 -7.60 10.07
N ARG A 506 -14.56 -6.26 10.04
CA ARG A 506 -13.32 -5.51 9.93
C ARG A 506 -12.44 -5.67 11.16
N GLY A 507 -13.06 -5.75 12.35
CA GLY A 507 -12.40 -5.98 13.62
C GLY A 507 -11.76 -7.36 13.66
N PHE A 508 -12.41 -8.38 13.04
CA PHE A 508 -11.86 -9.73 12.92
C PHE A 508 -10.61 -9.66 12.04
N ALA A 509 -10.70 -8.93 10.91
CA ALA A 509 -9.59 -8.79 9.98
C ALA A 509 -8.39 -8.15 10.65
N VAL A 510 -8.61 -7.08 11.43
CA VAL A 510 -7.53 -6.37 12.14
C VAL A 510 -6.87 -7.30 13.17
N ARG A 511 -7.68 -8.13 13.84
CA ARG A 511 -7.19 -9.11 14.81
C ARG A 511 -6.26 -10.14 14.16
N CYS A 512 -6.56 -10.57 12.91
CA CYS A 512 -5.72 -11.49 12.12
C CYS A 512 -4.39 -10.83 11.82
N LEU A 513 -4.39 -9.54 11.44
CA LEU A 513 -3.18 -8.78 11.13
C LEU A 513 -2.34 -8.56 12.38
N GLU A 514 -2.99 -8.24 13.52
CA GLU A 514 -2.30 -8.04 14.81
C GLU A 514 -1.54 -9.28 15.20
N LYS A 515 -2.17 -10.46 15.06
CA LYS A 515 -1.60 -11.75 15.42
C LYS A 515 -0.59 -12.32 14.38
N TYR A 516 -0.89 -12.26 13.09
CA TYR A 516 -0.11 -12.93 12.04
C TYR A 516 0.72 -12.10 11.09
N LEU A 517 0.47 -10.78 11.01
CA LEU A 517 1.21 -9.96 10.03
C LEU A 517 2.57 -9.51 10.57
N THR A 518 3.68 -9.98 9.94
CA THR A 518 5.04 -9.54 10.27
C THR A 518 5.23 -8.07 9.82
N ASP A 519 6.24 -7.40 10.40
CA ASP A 519 6.53 -6.01 10.07
C ASP A 519 7.12 -5.92 8.67
N ASP A 520 7.72 -7.01 8.17
CA ASP A 520 8.19 -7.08 6.78
C ASP A 520 6.97 -6.98 5.87
N LYS A 521 5.94 -7.80 6.15
CA LYS A 521 4.74 -7.85 5.32
C LYS A 521 3.89 -6.60 5.50
N LEU A 522 3.86 -6.04 6.72
CA LEU A 522 3.16 -4.79 7.01
C LEU A 522 3.76 -3.70 6.15
N SER A 523 5.12 -3.56 6.12
CA SER A 523 5.83 -2.59 5.27
C SER A 523 5.49 -2.85 3.80
N GLN A 524 5.46 -4.14 3.38
CA GLN A 524 5.15 -4.52 2.00
C GLN A 524 3.75 -4.04 1.53
N TYR A 525 2.72 -4.24 2.39
CA TYR A 525 1.32 -3.91 2.10
C TYR A 525 0.82 -2.61 2.76
N LEU A 526 1.73 -1.78 3.28
CA LEU A 526 1.36 -0.54 3.96
C LEU A 526 0.54 0.37 3.07
N ILE A 527 0.90 0.50 1.75
CA ILE A 527 0.12 1.33 0.82
C ILE A 527 -1.38 0.96 0.85
N GLN A 528 -1.74 -0.33 0.78
CA GLN A 528 -3.13 -0.76 0.75
C GLN A 528 -3.81 -0.51 2.09
N LEU A 529 -3.10 -0.77 3.19
CA LEU A 529 -3.59 -0.59 4.55
C LEU A 529 -3.89 0.86 4.85
N VAL A 530 -3.07 1.81 4.37
CA VAL A 530 -3.34 3.25 4.52
C VAL A 530 -4.63 3.60 3.74
N GLN A 531 -4.78 3.06 2.50
CA GLN A 531 -5.93 3.29 1.65
C GLN A 531 -7.24 2.84 2.23
N VAL A 532 -7.30 1.63 2.77
CA VAL A 532 -8.57 1.09 3.27
C VAL A 532 -9.09 1.83 4.50
N LEU A 533 -8.23 2.66 5.16
CA LEU A 533 -8.60 3.53 6.27
C LEU A 533 -9.72 4.44 5.80
N LYS A 534 -9.72 4.80 4.50
CA LYS A 534 -10.69 5.70 3.91
C LYS A 534 -12.09 5.12 3.93
N TYR A 535 -12.19 3.76 3.91
CA TYR A 535 -13.46 3.03 3.95
C TYR A 535 -14.01 2.89 5.36
N GLU A 536 -13.21 3.17 6.40
CA GLU A 536 -13.70 3.12 7.79
C GLU A 536 -14.82 4.15 8.06
N GLN A 537 -15.88 3.72 8.79
CA GLN A 537 -17.01 4.60 9.11
C GLN A 537 -16.60 5.77 9.99
N TYR A 538 -15.78 5.47 11.03
CA TYR A 538 -15.39 6.45 12.04
C TYR A 538 -13.88 6.77 12.08
N LEU A 539 -13.53 7.92 12.66
CA LEU A 539 -12.15 8.34 12.82
C LEU A 539 -11.41 7.40 13.75
N ASP A 540 -12.07 7.02 14.85
CA ASP A 540 -11.50 6.11 15.85
C ASP A 540 -11.99 4.66 15.59
N ASN A 541 -11.06 3.78 15.20
CA ASN A 541 -11.34 2.41 14.83
C ASN A 541 -10.14 1.51 15.10
N LEU A 542 -10.33 0.17 15.00
CA LEU A 542 -9.27 -0.80 15.28
C LEU A 542 -8.13 -0.77 14.28
N LEU A 543 -8.41 -0.50 12.99
CA LEU A 543 -7.39 -0.44 11.94
C LEU A 543 -6.43 0.70 12.15
N VAL A 544 -6.96 1.90 12.41
CA VAL A 544 -6.14 3.09 12.64
C VAL A 544 -5.27 2.96 13.89
N ARG A 545 -5.79 2.30 14.93
CA ARG A 545 -5.04 2.09 16.17
C ARG A 545 -3.92 1.09 15.94
N PHE A 546 -4.18 0.06 15.13
CA PHE A 546 -3.21 -0.96 14.79
C PHE A 546 -2.05 -0.34 14.02
N LEU A 547 -2.38 0.46 12.96
CA LEU A 547 -1.41 1.11 12.11
C LEU A 547 -0.63 2.17 12.85
N LEU A 548 -1.29 2.99 13.69
CA LEU A 548 -0.60 4.02 14.45
C LEU A 548 0.39 3.40 15.45
N LYS A 549 -0.01 2.32 16.17
CA LYS A 549 0.89 1.64 17.11
C LYS A 549 2.12 1.12 16.38
N LYS A 550 1.93 0.53 15.20
CA LYS A 550 3.04 0.01 14.43
C LYS A 550 3.97 1.13 13.97
N ALA A 551 3.41 2.23 13.47
CA ALA A 551 4.15 3.40 13.02
C ALA A 551 5.01 4.00 14.15
N LEU A 552 4.50 3.92 15.39
CA LEU A 552 5.13 4.46 16.61
C LEU A 552 6.05 3.46 17.31
N THR A 553 6.10 2.20 16.84
CA THR A 553 6.98 1.20 17.44
C THR A 553 8.05 0.72 16.44
N ASN A 554 7.97 1.19 15.18
CA ASN A 554 8.88 0.85 14.09
C ASN A 554 9.01 2.08 13.19
N GLN A 555 10.15 2.76 13.26
CA GLN A 555 10.41 3.99 12.53
C GLN A 555 10.47 3.78 11.04
N ARG A 556 10.74 2.55 10.58
CA ARG A 556 10.80 2.24 9.13
C ARG A 556 9.38 2.22 8.58
N ILE A 557 8.40 1.74 9.40
CA ILE A 557 6.98 1.74 9.06
C ILE A 557 6.48 3.14 9.21
N GLY A 558 6.82 3.79 10.30
CA GLY A 558 6.39 5.15 10.58
C GLY A 558 6.78 6.13 9.51
N HIS A 559 7.98 5.97 8.95
CA HIS A 559 8.47 6.87 7.91
C HIS A 559 7.51 6.85 6.73
N PHE A 560 7.25 5.65 6.19
CA PHE A 560 6.38 5.55 5.03
C PHE A 560 4.91 5.81 5.37
N PHE A 561 4.46 5.48 6.58
CA PHE A 561 3.13 5.82 7.08
C PHE A 561 2.96 7.34 7.00
N PHE A 562 3.99 8.13 7.44
CA PHE A 562 3.97 9.59 7.41
C PHE A 562 3.79 10.10 5.97
N TRP A 563 4.66 9.62 5.07
CA TRP A 563 4.64 10.04 3.68
C TRP A 563 3.42 9.65 2.92
N HIS A 564 2.88 8.44 3.13
CA HIS A 564 1.67 8.01 2.44
C HIS A 564 0.46 8.86 2.86
N LEU A 565 0.42 9.28 4.15
CA LEU A 565 -0.66 10.13 4.68
C LEU A 565 -0.46 11.55 4.20
N LYS A 566 0.83 12.09 4.27
CA LYS A 566 1.15 13.45 3.79
C LYS A 566 0.93 13.58 2.30
N SER A 567 1.27 12.58 1.51
CA SER A 567 1.10 12.68 0.07
C SER A 567 -0.35 12.92 -0.35
N GLU A 568 -1.33 12.65 0.55
CA GLU A 568 -2.76 12.81 0.27
C GLU A 568 -3.42 13.99 0.99
N MET A 569 -2.64 14.85 1.64
CA MET A 569 -3.21 15.95 2.43
C MET A 569 -3.89 17.02 1.59
N HIS A 570 -3.50 17.10 0.31
CA HIS A 570 -4.07 18.04 -0.66
C HIS A 570 -5.47 17.61 -1.07
N ASN A 571 -5.90 16.41 -0.66
CA ASN A 571 -7.20 15.86 -1.02
C ASN A 571 -8.12 16.17 0.14
N LYS A 572 -9.11 17.08 -0.06
CA LYS A 572 -10.00 17.52 1.02
C LYS A 572 -11.01 16.44 1.49
N THR A 573 -11.18 15.35 0.71
CA THR A 573 -11.98 14.17 1.03
C THR A 573 -11.37 13.44 2.23
N VAL A 574 -10.03 13.43 2.34
CA VAL A 574 -9.32 12.73 3.42
C VAL A 574 -8.41 13.61 4.30
N SER A 575 -8.31 14.92 4.02
CA SER A 575 -7.42 15.81 4.76
C SER A 575 -7.73 15.89 6.27
N GLN A 576 -9.02 15.75 6.69
CA GLN A 576 -9.34 15.81 8.12
C GLN A 576 -8.79 14.59 8.82
N ARG A 577 -9.19 13.40 8.31
CA ARG A 577 -8.82 12.10 8.85
C ARG A 577 -7.29 11.97 8.93
N PHE A 578 -6.63 12.23 7.81
CA PHE A 578 -5.18 12.11 7.67
C PHE A 578 -4.42 13.18 8.50
N GLY A 579 -4.95 14.40 8.54
CA GLY A 579 -4.39 15.48 9.35
C GLY A 579 -4.35 15.11 10.82
N LEU A 580 -5.50 14.66 11.35
CA LEU A 580 -5.68 14.26 12.76
C LEU A 580 -4.82 13.05 13.09
N LEU A 581 -4.67 12.13 12.12
CA LEU A 581 -3.88 10.92 12.31
C LEU A 581 -2.40 11.27 12.33
N LEU A 582 -1.96 12.13 11.41
CA LEU A 582 -0.57 12.62 11.33
C LEU A 582 -0.23 13.39 12.63
N GLU A 583 -1.15 14.26 13.16
CA GLU A 583 -0.93 15.01 14.38
C GLU A 583 -0.58 14.06 15.52
N SER A 584 -1.39 13.03 15.73
CA SER A 584 -1.14 12.05 16.79
C SER A 584 0.22 11.34 16.58
N TYR A 585 0.60 11.06 15.33
CA TYR A 585 1.86 10.39 15.00
C TYR A 585 3.01 11.26 15.40
N CYS A 586 2.99 12.54 14.99
CA CYS A 586 4.03 13.55 15.20
C CYS A 586 4.24 13.86 16.63
N ARG A 587 3.15 13.83 17.39
CA ARG A 587 3.19 14.11 18.82
C ARG A 587 3.90 13.03 19.61
N ALA A 588 4.08 11.82 19.02
CA ALA A 588 4.64 10.69 19.75
C ALA A 588 5.79 9.97 19.07
N CYS A 589 6.15 10.33 17.81
CA CYS A 589 7.23 9.67 17.08
C CYS A 589 8.63 9.99 17.61
N GLY A 590 8.74 11.02 18.44
CA GLY A 590 10.00 11.37 19.06
C GLY A 590 10.83 12.28 18.19
N MET A 591 12.16 12.07 18.21
CA MET A 591 13.15 12.86 17.49
C MET A 591 13.01 12.82 15.99
N TYR A 592 12.43 11.74 15.47
CA TYR A 592 12.21 11.61 14.02
C TYR A 592 11.44 12.75 13.40
N LEU A 593 10.56 13.42 14.17
CA LEU A 593 9.79 14.55 13.66
C LEU A 593 10.73 15.58 13.10
N LYS A 594 11.85 15.83 13.81
CA LYS A 594 12.85 16.84 13.42
C LYS A 594 13.53 16.49 12.11
N HIS A 595 13.73 15.17 11.86
CA HIS A 595 14.31 14.62 10.64
C HIS A 595 13.33 14.69 9.52
N LEU A 596 12.03 14.40 9.82
CA LEU A 596 10.94 14.46 8.83
C LEU A 596 10.79 15.90 8.37
N ASN A 597 10.88 16.87 9.32
CA ASN A 597 10.74 18.27 8.97
C ASN A 597 11.81 18.73 8.02
N ARG A 598 13.02 18.18 8.12
CA ARG A 598 14.12 18.51 7.20
C ARG A 598 13.74 18.07 5.80
N GLN A 599 13.18 16.81 5.68
CA GLN A 599 12.73 16.20 4.42
C GLN A 599 11.59 17.02 3.85
N VAL A 600 10.56 17.39 4.69
CA VAL A 600 9.40 18.20 4.27
C VAL A 600 9.87 19.53 3.68
N GLU A 601 10.84 20.21 4.33
CA GLU A 601 11.42 21.46 3.84
C GLU A 601 12.21 21.25 2.55
N ALA A 602 12.99 20.16 2.45
CA ALA A 602 13.78 19.87 1.24
C ALA A 602 12.90 19.69 0.06
N MET A 603 11.76 18.97 0.24
CA MET A 603 10.76 18.72 -0.82
C MET A 603 10.10 20.00 -1.23
N GLU A 604 9.75 20.87 -0.26
CA GLU A 604 9.17 22.19 -0.48
C GLU A 604 10.00 23.02 -1.44
N LYS A 605 11.31 23.10 -1.17
CA LYS A 605 12.27 23.84 -1.99
C LYS A 605 12.33 23.28 -3.42
N LEU A 606 12.24 21.97 -3.54
CA LEU A 606 12.27 21.33 -4.84
C LEU A 606 10.98 21.61 -5.56
N ILE A 607 9.84 21.60 -4.86
CA ILE A 607 8.56 21.87 -5.52
C ILE A 607 8.56 23.30 -6.02
N ASN A 608 8.91 24.24 -5.16
CA ASN A 608 8.92 25.63 -5.51
C ASN A 608 9.87 25.98 -6.65
N LEU A 609 11.04 25.32 -6.74
CA LEU A 609 12.02 25.53 -7.81
C LEU A 609 11.51 24.95 -9.14
N THR A 610 11.00 23.70 -9.13
CA THR A 610 10.48 23.05 -10.32
C THR A 610 9.25 23.75 -10.85
N ASP A 611 8.42 24.33 -9.96
CA ASP A 611 7.23 25.09 -10.34
C ASP A 611 7.63 26.34 -11.11
N ILE A 612 8.73 27.01 -10.70
CA ILE A 612 9.20 28.17 -11.45
C ILE A 612 9.66 27.76 -12.87
N LEU A 613 10.46 26.68 -12.99
CA LEU A 613 10.97 26.21 -14.28
C LEU A 613 9.85 25.77 -15.24
N LYS A 614 8.79 25.12 -14.70
CA LYS A 614 7.62 24.57 -15.38
C LYS A 614 6.70 25.67 -15.84
N GLN A 615 6.64 26.79 -15.09
CA GLN A 615 5.77 27.93 -15.38
C GLN A 615 6.49 29.07 -16.06
N GLU A 616 7.36 29.75 -15.31
CA GLU A 616 8.09 30.95 -15.73
C GLU A 616 9.14 30.73 -16.85
N LYS A 617 10.07 29.78 -16.65
CA LYS A 617 11.20 29.56 -17.55
C LYS A 617 11.07 28.36 -18.53
N LYS A 618 9.85 27.77 -18.70
CA LYS A 618 9.62 26.57 -19.54
C LYS A 618 10.06 26.67 -21.00
N ASP A 619 10.03 27.87 -21.59
CA ASP A 619 10.39 28.03 -23.00
C ASP A 619 11.87 28.33 -23.25
N GLU A 620 12.63 28.70 -22.21
CA GLU A 620 14.04 29.02 -22.38
C GLU A 620 14.90 27.79 -22.78
N THR A 621 16.13 28.04 -23.27
CA THR A 621 17.05 26.97 -23.70
C THR A 621 17.59 26.19 -22.50
N GLN A 622 18.14 24.98 -22.74
CA GLN A 622 18.67 24.14 -21.64
C GLN A 622 19.78 24.90 -20.90
N LYS A 623 20.73 25.53 -21.62
CA LYS A 623 21.82 26.29 -21.01
C LYS A 623 21.28 27.35 -20.07
N VAL A 624 20.30 28.15 -20.54
CA VAL A 624 19.62 29.21 -19.76
C VAL A 624 18.86 28.63 -18.57
N GLN A 625 18.14 27.49 -18.76
CA GLN A 625 17.39 26.86 -17.67
C GLN A 625 18.31 26.35 -16.60
N MET A 626 19.44 25.75 -17.02
CA MET A 626 20.50 25.23 -16.16
C MET A 626 21.16 26.36 -15.40
N LYS A 627 21.50 27.50 -16.10
CA LYS A 627 22.02 28.73 -15.49
C LYS A 627 21.10 29.18 -14.33
N PHE A 628 19.76 29.21 -14.57
CA PHE A 628 18.77 29.60 -13.58
C PHE A 628 18.74 28.60 -12.44
N LEU A 629 18.82 27.30 -12.75
CA LEU A 629 18.76 26.23 -11.75
C LEU A 629 19.90 26.34 -10.77
N VAL A 630 21.14 26.39 -11.30
CA VAL A 630 22.40 26.49 -10.59
C VAL A 630 22.43 27.72 -9.66
N GLU A 631 21.98 28.89 -10.18
CA GLU A 631 21.92 30.16 -9.45
C GLU A 631 20.97 30.05 -8.29
N GLN A 632 19.79 29.45 -8.52
CA GLN A 632 18.74 29.27 -7.51
C GLN A 632 19.11 28.25 -6.43
N MET A 633 19.83 27.19 -6.83
CA MET A 633 20.31 26.12 -5.97
C MET A 633 21.48 26.55 -5.10
N ARG A 634 22.24 27.54 -5.55
CA ARG A 634 23.40 28.06 -4.81
C ARG A 634 23.01 29.10 -3.77
N ARG A 635 21.72 29.52 -3.74
CA ARG A 635 21.19 30.48 -2.77
C ARG A 635 21.31 29.92 -1.34
N PRO A 636 21.76 30.76 -0.35
CA PRO A 636 22.00 30.25 1.03
C PRO A 636 20.85 29.51 1.69
N ASP A 637 19.62 30.02 1.61
CA ASP A 637 18.46 29.37 2.22
C ASP A 637 18.14 28.03 1.57
N PHE A 638 18.34 27.97 0.25
CA PHE A 638 18.15 26.77 -0.55
C PHE A 638 19.17 25.68 -0.20
N MET A 639 20.47 26.02 -0.30
CA MET A 639 21.63 25.16 -0.03
C MET A 639 21.53 24.45 1.30
N ASP A 640 21.19 25.19 2.34
CA ASP A 640 21.08 24.70 3.70
C ASP A 640 19.90 23.72 3.81
N ALA A 641 18.75 24.09 3.21
CA ALA A 641 17.51 23.28 3.22
C ALA A 641 17.64 21.98 2.48
N LEU A 642 18.39 22.00 1.35
CA LEU A 642 18.50 20.87 0.44
C LEU A 642 19.75 20.01 0.59
N GLN A 643 20.36 20.04 1.76
CA GLN A 643 21.48 19.14 1.98
C GLN A 643 21.66 18.79 3.47
N GLY A 644 22.03 17.54 3.71
CA GLY A 644 22.16 17.06 5.06
C GLY A 644 20.79 16.68 5.60
N PHE A 645 20.15 15.69 4.96
CA PHE A 645 18.86 15.11 5.36
C PHE A 645 18.74 13.65 4.91
N LEU A 646 17.69 12.96 5.33
CA LEU A 646 17.50 11.57 4.98
C LEU A 646 16.64 11.41 3.74
N SER A 647 17.02 10.52 2.84
CA SER A 647 16.31 10.26 1.58
C SER A 647 14.89 9.80 1.88
N PRO A 648 13.81 10.51 1.48
CA PRO A 648 12.45 9.98 1.74
C PRO A 648 12.21 8.62 1.07
N LEU A 649 13.01 8.26 0.06
CA LEU A 649 12.89 6.96 -0.60
C LEU A 649 13.35 5.82 0.36
N ASN A 650 14.42 6.04 1.12
CA ASN A 650 14.96 5.06 2.07
C ASN A 650 15.67 5.87 3.16
N PRO A 651 15.05 6.05 4.32
CA PRO A 651 15.65 6.94 5.33
C PRO A 651 16.91 6.41 5.98
N ALA A 652 17.43 5.26 5.51
CA ALA A 652 18.69 4.70 5.98
C ALA A 652 19.78 5.34 5.14
N HIS A 653 19.39 5.99 4.05
CA HIS A 653 20.29 6.70 3.15
C HIS A 653 20.41 8.15 3.56
N GLN A 654 21.62 8.56 3.95
CA GLN A 654 21.88 9.96 4.27
C GLN A 654 22.25 10.68 2.99
N LEU A 655 21.63 11.84 2.81
CA LEU A 655 21.93 12.70 1.70
C LEU A 655 22.79 13.83 2.27
N GLY A 656 24.08 13.79 1.96
CA GLY A 656 25.05 14.76 2.45
C GLY A 656 25.02 16.04 1.66
N ASN A 657 26.17 16.48 1.17
CA ASN A 657 26.22 17.69 0.34
C ASN A 657 25.73 17.42 -1.11
N LEU A 658 25.11 18.43 -1.78
CA LEU A 658 24.68 18.34 -3.17
C LEU A 658 25.92 18.43 -4.02
N ARG A 659 25.91 17.71 -5.14
CA ARG A 659 26.94 17.63 -6.18
C ARG A 659 26.36 18.41 -7.40
N LEU A 660 26.25 19.74 -7.27
CA LEU A 660 25.65 20.63 -8.27
C LEU A 660 26.12 20.39 -9.71
N GLU A 661 27.37 19.96 -9.88
CA GLU A 661 27.94 19.66 -11.18
C GLU A 661 27.27 18.45 -11.83
N GLU A 662 26.83 17.49 -11.02
CA GLU A 662 26.15 16.27 -11.45
C GLU A 662 24.62 16.44 -11.56
N CYS A 663 24.06 17.51 -10.94
CA CYS A 663 22.64 17.85 -10.99
C CYS A 663 22.26 18.49 -12.31
N ARG A 664 21.17 18.03 -12.96
CA ARG A 664 20.72 18.55 -14.26
C ARG A 664 19.21 18.47 -14.42
N ILE A 665 18.66 19.27 -15.35
CA ILE A 665 17.24 19.25 -15.75
C ILE A 665 17.19 18.23 -16.88
N MET A 666 16.37 17.18 -16.70
CA MET A 666 16.22 16.09 -17.65
C MET A 666 15.42 16.50 -18.86
N SER A 667 15.79 15.92 -20.00
CA SER A 667 15.20 16.18 -21.32
C SER A 667 13.79 15.56 -21.49
N SER A 668 13.34 14.78 -20.49
CA SER A 668 12.02 14.14 -20.43
C SER A 668 10.88 15.21 -20.25
N ALA A 669 9.63 14.79 -20.50
CA ALA A 669 8.49 15.68 -20.31
C ALA A 669 8.24 15.76 -18.78
N LYS A 670 7.79 16.96 -18.34
CA LYS A 670 7.55 17.38 -16.96
C LYS A 670 8.90 17.85 -16.35
N ARG A 671 9.97 17.75 -17.18
CA ARG A 671 11.38 18.16 -17.02
C ARG A 671 11.87 17.90 -15.62
N PRO A 672 12.00 16.60 -15.26
CA PRO A 672 12.40 16.25 -13.90
C PRO A 672 13.85 16.60 -13.59
N LEU A 673 14.15 16.85 -12.31
CA LEU A 673 15.50 17.14 -11.87
C LEU A 673 16.22 15.83 -11.53
N TRP A 674 17.42 15.70 -12.07
CA TRP A 674 18.31 14.61 -11.75
C TRP A 674 19.18 15.22 -10.65
N LEU A 675 19.06 14.70 -9.42
CA LEU A 675 19.81 15.22 -8.29
C LEU A 675 20.86 14.26 -7.77
N ASN A 676 22.03 14.81 -7.38
CA ASN A 676 23.16 14.02 -6.88
C ASN A 676 23.66 14.56 -5.56
N TRP A 677 23.67 13.70 -4.52
CA TRP A 677 24.18 14.04 -3.19
C TRP A 677 25.32 13.11 -2.85
N GLU A 678 26.29 13.61 -2.06
CA GLU A 678 27.36 12.80 -1.55
C GLU A 678 26.77 11.89 -0.46
N ASN A 679 27.33 10.66 -0.31
CA ASN A 679 26.93 9.77 0.78
C ASN A 679 27.98 10.05 1.87
N PRO A 680 27.56 10.65 3.00
CA PRO A 680 28.52 10.97 4.05
C PRO A 680 28.93 9.80 4.95
N ASP A 681 28.48 8.55 4.67
CA ASP A 681 28.89 7.36 5.45
C ASP A 681 30.42 7.22 5.39
N ILE A 682 31.08 6.78 6.50
CA ILE A 682 32.55 6.62 6.53
C ILE A 682 32.99 5.57 5.52
N MET A 683 32.14 4.54 5.30
CA MET A 683 32.36 3.42 4.37
C MET A 683 31.41 3.50 3.15
N SER A 684 31.20 4.72 2.63
CA SER A 684 30.35 5.01 1.47
C SER A 684 30.87 4.31 0.24
N GLU A 685 32.20 4.27 0.07
CA GLU A 685 32.91 3.62 -1.03
C GLU A 685 32.54 2.13 -1.25
N LEU A 686 32.13 1.42 -0.17
CA LEU A 686 31.74 0.00 -0.23
C LEU A 686 30.25 -0.23 -0.51
N LEU A 687 29.51 0.85 -0.86
CA LEU A 687 28.10 0.77 -1.24
C LEU A 687 27.90 1.67 -2.45
N PHE A 688 27.95 3.00 -2.25
CA PHE A 688 27.88 4.02 -3.27
C PHE A 688 28.33 5.33 -2.69
N GLN A 689 29.24 6.00 -3.41
CA GLN A 689 29.80 7.28 -2.99
C GLN A 689 28.79 8.43 -3.16
N ASN A 690 27.95 8.35 -4.22
CA ASN A 690 26.94 9.35 -4.54
C ASN A 690 25.51 8.76 -4.63
N ASN A 691 24.52 9.44 -4.03
CA ASN A 691 23.12 9.04 -4.10
C ASN A 691 22.41 9.86 -5.17
N GLU A 692 21.89 9.19 -6.21
CA GLU A 692 21.19 9.83 -7.34
C GLU A 692 19.68 9.55 -7.28
N ILE A 693 18.90 10.64 -7.34
CA ILE A 693 17.45 10.61 -7.25
C ILE A 693 16.91 11.50 -8.32
N ILE A 694 15.80 11.09 -8.93
CA ILE A 694 15.05 11.87 -9.89
C ILE A 694 13.86 12.49 -9.13
N PHE A 695 13.74 13.82 -9.17
CA PHE A 695 12.62 14.52 -8.57
C PHE A 695 11.74 14.89 -9.75
N LYS A 696 10.50 14.38 -9.77
CA LYS A 696 9.53 14.61 -10.84
C LYS A 696 8.32 15.42 -10.35
N ASN A 697 7.99 16.49 -11.05
CA ASN A 697 6.87 17.36 -10.72
C ASN A 697 5.98 17.48 -11.98
N GLY A 698 4.76 16.95 -11.88
CA GLY A 698 3.80 16.98 -12.98
C GLY A 698 2.97 15.72 -13.15
N ASP A 699 3.58 14.57 -12.85
CA ASP A 699 2.96 13.27 -12.97
C ASP A 699 2.51 12.67 -11.62
N ASP A 700 1.33 12.01 -11.63
CA ASP A 700 0.75 11.25 -10.53
C ASP A 700 1.60 9.98 -10.48
N LEU A 701 2.34 9.77 -9.37
CA LEU A 701 3.25 8.62 -9.27
C LEU A 701 2.65 7.40 -8.59
N ARG A 702 1.38 7.48 -8.21
CA ARG A 702 0.69 6.41 -7.51
C ARG A 702 0.62 5.11 -8.29
N GLN A 703 0.30 5.17 -9.60
CA GLN A 703 0.20 4.01 -10.48
C GLN A 703 1.54 3.29 -10.61
N ASP A 704 2.64 4.05 -10.78
CA ASP A 704 3.96 3.44 -10.88
C ASP A 704 4.39 2.80 -9.55
N MET A 705 4.04 3.44 -8.43
CA MET A 705 4.28 2.97 -7.07
C MET A 705 3.59 1.60 -6.86
N LEU A 706 2.31 1.46 -7.25
CA LEU A 706 1.54 0.22 -7.16
C LEU A 706 2.10 -0.86 -8.12
N THR A 707 2.48 -0.51 -9.37
CA THR A 707 3.04 -1.49 -10.31
C THR A 707 4.34 -2.08 -9.79
N LEU A 708 5.25 -1.20 -9.31
CA LEU A 708 6.55 -1.58 -8.77
C LEU A 708 6.39 -2.42 -7.53
N GLN A 709 5.31 -2.22 -6.76
CA GLN A 709 5.00 -3.03 -5.59
C GLN A 709 4.60 -4.45 -6.06
N ILE A 710 3.73 -4.51 -7.11
CA ILE A 710 3.27 -5.77 -7.67
C ILE A 710 4.44 -6.55 -8.30
N ILE A 711 5.37 -5.84 -8.97
CA ILE A 711 6.58 -6.45 -9.54
C ILE A 711 7.42 -7.11 -8.43
N ARG A 712 7.60 -6.40 -7.31
CA ARG A 712 8.36 -6.88 -6.16
C ARG A 712 7.74 -8.13 -5.60
N ILE A 713 6.38 -8.16 -5.48
CA ILE A 713 5.57 -9.31 -4.99
C ILE A 713 5.72 -10.50 -5.94
N MET A 714 5.57 -10.26 -7.23
CA MET A 714 5.73 -11.29 -8.25
C MET A 714 7.11 -11.95 -8.17
N GLU A 715 8.17 -11.14 -7.99
CA GLU A 715 9.56 -11.60 -7.89
C GLU A 715 9.73 -12.53 -6.67
N ASN A 716 9.19 -12.08 -5.51
CA ASN A 716 9.22 -12.80 -4.23
C ASN A 716 8.55 -14.17 -4.38
N ILE A 717 7.45 -14.24 -5.16
CA ILE A 717 6.70 -15.49 -5.42
C ILE A 717 7.59 -16.45 -6.16
N TRP A 718 8.23 -15.96 -7.22
CA TRP A 718 9.14 -16.74 -8.05
C TRP A 718 10.38 -17.19 -7.32
N GLN A 719 10.95 -16.33 -6.48
CA GLN A 719 12.16 -16.65 -5.72
C GLN A 719 11.90 -17.76 -4.67
N ASN A 720 10.72 -17.71 -4.00
CA ASN A 720 10.29 -18.71 -3.02
C ASN A 720 9.89 -20.04 -3.69
N GLN A 721 9.54 -20.01 -5.00
CA GLN A 721 9.19 -21.21 -5.78
C GLN A 721 10.41 -21.85 -6.42
N GLY A 722 11.55 -21.18 -6.27
CA GLY A 722 12.85 -21.61 -6.80
C GLY A 722 13.09 -21.32 -8.27
N LEU A 723 12.65 -20.12 -8.75
CA LEU A 723 12.74 -19.62 -10.12
C LEU A 723 13.48 -18.31 -10.06
N ASP A 724 14.80 -18.30 -10.32
CA ASP A 724 15.59 -17.06 -10.22
C ASP A 724 15.34 -16.11 -11.41
N LEU A 725 14.23 -15.36 -11.37
CA LEU A 725 13.94 -14.37 -12.40
C LEU A 725 14.09 -13.04 -11.72
N ARG A 726 15.23 -12.39 -11.94
CA ARG A 726 15.57 -11.14 -11.30
C ARG A 726 14.82 -9.94 -11.87
N MET A 727 13.98 -9.33 -11.03
CA MET A 727 13.26 -8.10 -11.34
C MET A 727 13.96 -6.87 -10.70
N LEU A 728 13.57 -5.68 -11.17
CA LEU A 728 14.11 -4.44 -10.67
C LEU A 728 13.00 -3.47 -10.29
N PRO A 729 12.36 -3.73 -9.10
CA PRO A 729 11.35 -2.79 -8.60
C PRO A 729 12.07 -1.63 -7.92
N TYR A 730 12.51 -0.63 -8.72
CA TYR A 730 13.22 0.55 -8.18
C TYR A 730 12.27 1.39 -7.30
N GLY A 731 12.87 2.16 -6.41
CA GLY A 731 12.16 3.02 -5.48
C GLY A 731 11.40 4.14 -6.13
N CYS A 732 10.18 4.29 -5.74
CA CYS A 732 9.27 5.32 -6.22
C CYS A 732 8.38 5.74 -5.08
N LEU A 733 8.40 7.05 -4.75
CA LEU A 733 7.59 7.57 -3.66
C LEU A 733 6.90 8.83 -4.08
N SER A 734 5.57 8.80 -3.99
CA SER A 734 4.68 9.92 -4.21
C SER A 734 4.74 10.72 -2.92
N ILE A 735 5.13 12.02 -3.02
CA ILE A 735 5.26 12.90 -1.83
C ILE A 735 4.16 13.92 -1.79
N GLY A 736 3.33 13.94 -2.83
CA GLY A 736 2.23 14.88 -2.88
C GLY A 736 1.47 14.89 -4.17
N ASP A 737 0.74 15.99 -4.40
CA ASP A 737 -0.10 16.14 -5.58
C ASP A 737 0.76 16.23 -6.84
N CYS A 738 0.97 15.04 -7.47
CA CYS A 738 1.76 14.88 -8.70
C CYS A 738 3.22 15.34 -8.57
N VAL A 739 3.84 14.99 -7.42
CA VAL A 739 5.24 15.26 -7.07
C VAL A 739 5.79 14.01 -6.45
N GLY A 740 7.05 13.73 -6.69
CA GLY A 740 7.63 12.53 -6.11
C GLY A 740 9.06 12.21 -6.46
N LEU A 741 9.61 11.20 -5.79
CA LEU A 741 10.98 10.76 -5.97
C LEU A 741 11.08 9.41 -6.67
N ILE A 742 12.10 9.25 -7.49
CA ILE A 742 12.37 8.04 -8.23
C ILE A 742 13.86 7.66 -8.04
N GLU A 743 14.11 6.43 -7.61
CA GLU A 743 15.45 5.90 -7.42
C GLU A 743 16.10 5.74 -8.80
N VAL A 744 17.33 6.28 -8.95
CA VAL A 744 18.11 6.12 -10.17
C VAL A 744 18.79 4.75 -10.07
N VAL A 745 18.56 3.88 -11.08
CA VAL A 745 19.20 2.56 -11.20
C VAL A 745 20.63 2.83 -11.69
N ARG A 746 21.64 2.48 -10.88
CA ARG A 746 23.04 2.74 -11.24
C ARG A 746 23.56 1.82 -12.37
N ASN A 747 24.37 2.40 -13.31
CA ASN A 747 25.01 1.74 -14.46
C ASN A 747 23.99 1.04 -15.40
N SER A 748 22.93 1.76 -15.76
CA SER A 748 21.88 1.26 -16.64
C SER A 748 21.64 2.24 -17.79
N HIS A 749 21.27 1.69 -18.97
CA HIS A 749 21.00 2.47 -20.21
C HIS A 749 19.76 1.96 -20.93
N THR A 750 19.06 2.84 -21.66
CA THR A 750 17.92 2.41 -22.46
C THR A 750 18.46 1.72 -23.72
N ILE A 751 17.61 0.91 -24.39
CA ILE A 751 17.93 0.19 -25.63
C ILE A 751 18.39 1.18 -26.70
N MET A 752 17.71 2.33 -26.81
CA MET A 752 18.06 3.38 -27.77
C MET A 752 19.48 3.92 -27.50
N GLN A 753 19.85 4.08 -26.21
CA GLN A 753 21.17 4.58 -25.85
C GLN A 753 22.19 3.42 -25.72
N ILE A 754 21.95 2.33 -26.46
CA ILE A 754 22.86 1.20 -26.67
C ILE A 754 23.11 1.30 -28.18
N GLN A 755 22.04 1.58 -28.93
CA GLN A 755 22.05 1.73 -30.38
C GLN A 755 22.73 3.07 -30.79
N CYS A 756 24.08 2.99 -30.90
CA CYS A 756 25.03 4.03 -31.30
C CYS A 756 26.08 3.42 -32.19
N ASN A 767 22.08 -2.34 -36.51
CA ASN A 767 21.65 -3.70 -36.85
C ASN A 767 21.07 -4.47 -35.65
N SER A 768 20.64 -5.72 -35.88
CA SER A 768 20.01 -6.60 -34.89
C SER A 768 20.97 -7.09 -33.80
N HIS A 769 22.24 -7.29 -34.16
CA HIS A 769 23.25 -7.80 -33.22
C HIS A 769 23.88 -6.71 -32.32
N THR A 770 23.48 -5.42 -32.46
CA THR A 770 24.01 -4.26 -31.72
C THR A 770 23.95 -4.46 -30.21
N LEU A 771 22.80 -4.95 -29.71
CA LEU A 771 22.56 -5.17 -28.29
C LEU A 771 23.43 -6.29 -27.76
N HIS A 772 23.44 -7.43 -28.47
CA HIS A 772 24.22 -8.60 -28.09
C HIS A 772 25.71 -8.30 -28.09
N GLN A 773 26.18 -7.51 -29.10
CA GLN A 773 27.57 -7.07 -29.25
C GLN A 773 27.96 -6.16 -28.09
N TRP A 774 27.01 -5.31 -27.62
CA TRP A 774 27.25 -4.42 -26.49
C TRP A 774 27.48 -5.21 -25.21
N LEU A 775 26.65 -6.24 -24.95
CA LEU A 775 26.76 -7.07 -23.75
C LEU A 775 27.99 -7.97 -23.77
N LYS A 776 28.41 -8.39 -24.98
CA LYS A 776 29.61 -9.19 -25.18
C LYS A 776 30.82 -8.37 -24.71
N ASP A 777 30.91 -7.08 -25.15
CA ASP A 777 32.00 -6.17 -24.80
C ASP A 777 32.06 -5.81 -23.32
N LYS A 778 30.88 -5.65 -22.69
CA LYS A 778 30.79 -5.34 -21.27
C LYS A 778 31.09 -6.57 -20.41
N ASN A 779 30.82 -7.78 -20.96
CA ASN A 779 31.01 -9.05 -20.26
C ASN A 779 31.88 -10.03 -21.07
N LYS A 780 33.17 -9.72 -21.18
CA LYS A 780 34.13 -10.55 -21.93
C LYS A 780 34.66 -11.70 -21.06
N GLY A 781 35.04 -12.78 -21.72
CA GLY A 781 35.62 -13.94 -21.06
C GLY A 781 34.59 -14.87 -20.44
N GLU A 782 34.96 -15.47 -19.30
CA GLU A 782 34.13 -16.43 -18.58
C GLU A 782 32.87 -15.81 -17.92
N ILE A 783 32.80 -14.46 -17.80
CA ILE A 783 31.63 -13.81 -17.21
C ILE A 783 30.45 -13.76 -18.20
N TYR A 784 30.72 -13.91 -19.52
CA TYR A 784 29.73 -13.89 -20.61
C TYR A 784 28.51 -14.77 -20.37
N ASP A 785 28.73 -16.04 -19.95
CA ASP A 785 27.65 -16.99 -19.71
C ASP A 785 26.69 -16.57 -18.62
N ALA A 786 27.21 -15.97 -17.53
CA ALA A 786 26.37 -15.45 -16.44
C ALA A 786 25.54 -14.20 -16.86
N ALA A 787 26.11 -13.36 -17.75
CA ALA A 787 25.46 -12.16 -18.25
C ALA A 787 24.32 -12.51 -19.18
N ILE A 788 24.51 -13.52 -20.07
CA ILE A 788 23.45 -13.98 -20.98
C ILE A 788 22.35 -14.60 -20.18
N ASP A 789 22.71 -15.39 -19.16
CA ASP A 789 21.77 -16.05 -18.26
C ASP A 789 20.91 -15.03 -17.55
N LEU A 790 21.55 -13.98 -16.99
CA LEU A 790 20.85 -12.91 -16.29
C LEU A 790 19.89 -12.17 -17.23
N PHE A 791 20.30 -11.97 -18.49
CA PHE A 791 19.46 -11.31 -19.48
C PHE A 791 18.22 -12.12 -19.76
N THR A 792 18.37 -13.43 -20.10
CA THR A 792 17.28 -14.38 -20.42
C THR A 792 16.29 -14.48 -19.25
N ARG A 793 16.81 -14.66 -18.00
CA ARG A 793 16.04 -14.76 -16.77
C ARG A 793 15.26 -13.48 -16.44
N SER A 794 15.89 -12.29 -16.57
CA SER A 794 15.23 -11.00 -16.31
C SER A 794 14.21 -10.68 -17.38
N CYS A 795 14.53 -11.04 -18.61
CA CYS A 795 13.68 -10.87 -19.79
C CYS A 795 12.39 -11.65 -19.65
N ALA A 796 12.51 -12.91 -19.16
CA ALA A 796 11.39 -13.82 -18.92
C ALA A 796 10.43 -13.28 -17.87
N GLY A 797 10.98 -12.72 -16.79
CA GLY A 797 10.19 -12.16 -15.70
C GLY A 797 9.38 -10.96 -16.13
N TYR A 798 10.01 -10.03 -16.88
CA TYR A 798 9.36 -8.81 -17.35
C TYR A 798 8.35 -9.08 -18.44
N CYS A 799 8.58 -10.12 -19.26
CA CYS A 799 7.66 -10.61 -20.30
C CYS A 799 6.32 -11.04 -19.65
N VAL A 800 6.41 -11.90 -18.61
CA VAL A 800 5.29 -12.46 -17.86
C VAL A 800 4.57 -11.37 -17.04
N ALA A 801 5.34 -10.58 -16.26
CA ALA A 801 4.80 -9.49 -15.43
C ALA A 801 4.03 -8.46 -16.25
N THR A 802 4.60 -7.96 -17.37
CA THR A 802 3.94 -6.96 -18.20
C THR A 802 2.66 -7.49 -18.84
N PHE A 803 2.67 -8.74 -19.33
CA PHE A 803 1.49 -9.33 -19.96
C PHE A 803 0.33 -9.44 -18.97
N ILE A 804 0.60 -9.98 -17.75
CA ILE A 804 -0.42 -10.14 -16.70
C ILE A 804 -1.05 -8.79 -16.32
N LEU A 805 -0.20 -7.78 -16.03
CA LEU A 805 -0.59 -6.46 -15.59
C LEU A 805 -1.11 -5.52 -16.65
N GLY A 806 -0.87 -5.82 -17.91
CA GLY A 806 -1.30 -4.94 -19.00
C GLY A 806 -0.66 -3.58 -18.87
N ILE A 807 0.67 -3.57 -18.72
CA ILE A 807 1.48 -2.36 -18.62
C ILE A 807 1.47 -1.66 -19.99
N GLY A 808 1.70 -0.33 -20.00
CA GLY A 808 1.75 0.47 -21.23
C GLY A 808 2.80 -0.04 -22.20
N ASP A 809 2.52 0.08 -23.51
CA ASP A 809 3.38 -0.44 -24.57
C ASP A 809 4.87 -0.05 -24.45
N ARG A 810 5.71 -1.08 -24.57
CA ARG A 810 7.16 -0.99 -24.48
C ARG A 810 7.79 -0.56 -25.78
N HIS A 811 8.91 0.17 -25.66
CA HIS A 811 9.75 0.63 -26.77
C HIS A 811 11.18 0.84 -26.29
N ASN A 812 12.10 1.15 -27.21
CA ASN A 812 13.55 1.36 -27.01
C ASN A 812 13.92 2.38 -25.91
N SER A 813 13.03 3.31 -25.57
CA SER A 813 13.29 4.35 -24.57
C SER A 813 12.73 4.07 -23.18
N ASN A 814 11.83 3.05 -23.04
CA ASN A 814 11.28 2.69 -21.73
C ASN A 814 11.68 1.25 -21.30
N ILE A 815 12.61 0.62 -22.04
CA ILE A 815 13.23 -0.65 -21.70
C ILE A 815 14.70 -0.31 -21.41
N MET A 816 15.23 -0.74 -20.26
CA MET A 816 16.62 -0.50 -19.87
C MET A 816 17.39 -1.81 -19.61
N VAL A 817 18.75 -1.74 -19.73
CA VAL A 817 19.66 -2.88 -19.53
C VAL A 817 20.84 -2.41 -18.67
N LYS A 818 21.23 -3.25 -17.68
CA LYS A 818 22.39 -2.96 -16.82
C LYS A 818 23.64 -3.52 -17.48
N ASP A 819 24.83 -3.04 -17.03
CA ASP A 819 26.12 -3.47 -17.56
C ASP A 819 26.35 -4.98 -17.39
N ASP A 820 25.83 -5.56 -16.28
CA ASP A 820 25.90 -7.00 -15.97
C ASP A 820 24.94 -7.88 -16.80
N GLY A 821 24.04 -7.26 -17.55
CA GLY A 821 23.08 -7.97 -18.39
C GLY A 821 21.63 -7.96 -17.96
N GLN A 822 21.34 -7.37 -16.79
CA GLN A 822 19.99 -7.32 -16.21
C GLN A 822 19.07 -6.36 -16.97
N LEU A 823 18.03 -6.92 -17.57
CA LEU A 823 17.02 -6.15 -18.29
C LEU A 823 15.89 -5.74 -17.32
N PHE A 824 15.33 -4.55 -17.51
CA PHE A 824 14.20 -4.03 -16.75
C PHE A 824 13.45 -2.92 -17.49
N HIS A 825 12.31 -2.53 -16.97
CA HIS A 825 11.46 -1.51 -17.57
C HIS A 825 11.28 -0.31 -16.66
N ILE A 826 10.99 0.82 -17.28
CA ILE A 826 10.75 2.07 -16.55
C ILE A 826 9.51 2.73 -17.13
N ASP A 827 9.01 3.79 -16.48
CA ASP A 827 7.86 4.61 -16.91
C ASP A 827 6.64 3.74 -17.30
N PHE A 828 5.99 3.12 -16.30
CA PHE A 828 4.87 2.21 -16.55
C PHE A 828 3.62 2.95 -17.07
N GLY A 829 3.24 3.98 -16.31
CA GLY A 829 2.11 4.86 -16.62
C GLY A 829 0.76 4.21 -16.38
N HIS A 830 0.38 3.30 -17.30
CA HIS A 830 -0.91 2.62 -17.22
C HIS A 830 -0.77 1.15 -17.04
N PHE A 831 -1.73 0.59 -16.31
CA PHE A 831 -1.87 -0.84 -16.08
C PHE A 831 -3.31 -1.23 -16.41
N LEU A 832 -3.56 -2.54 -16.52
CA LEU A 832 -4.86 -3.12 -16.83
C LEU A 832 -5.30 -2.64 -18.22
N ASP A 833 -6.60 -2.49 -18.52
CA ASP A 833 -6.89 -2.03 -19.89
C ASP A 833 -6.86 -0.50 -20.01
N HIS A 834 -5.88 0.01 -20.75
CA HIS A 834 -5.72 1.44 -21.02
C HIS A 834 -6.30 1.81 -22.42
N LYS A 835 -6.76 0.78 -23.16
CA LYS A 835 -7.38 0.89 -24.47
C LYS A 835 -8.81 1.40 -24.26
N LYS A 836 -9.72 0.54 -23.72
CA LYS A 836 -11.12 0.84 -23.42
C LYS A 836 -11.92 1.13 -24.71
N ARG A 843 -8.01 -9.03 -27.50
CA ARG A 843 -8.37 -7.85 -26.70
C ARG A 843 -7.49 -7.67 -25.39
N GLU A 844 -6.45 -8.53 -25.23
CA GLU A 844 -5.44 -8.44 -24.17
C GLU A 844 -4.10 -8.27 -24.91
N ARG A 845 -3.49 -7.10 -24.74
CA ARG A 845 -2.23 -6.78 -25.38
C ARG A 845 -1.03 -7.55 -24.81
N VAL A 846 0.09 -7.54 -25.57
CA VAL A 846 1.38 -8.09 -25.19
C VAL A 846 2.29 -6.84 -25.22
N PRO A 847 2.47 -6.16 -24.04
CA PRO A 847 3.22 -4.89 -24.01
C PRO A 847 4.66 -5.01 -24.45
N PHE A 848 5.33 -6.08 -24.00
CA PHE A 848 6.73 -6.33 -24.25
C PHE A 848 6.93 -7.37 -25.35
N VAL A 849 6.96 -6.89 -26.60
CA VAL A 849 7.20 -7.71 -27.78
C VAL A 849 8.72 -7.82 -27.96
N LEU A 850 9.22 -9.06 -27.93
CA LEU A 850 10.64 -9.35 -28.07
C LEU A 850 11.08 -9.23 -29.52
N THR A 851 11.84 -8.17 -29.85
CA THR A 851 12.40 -8.01 -31.19
C THR A 851 13.57 -8.97 -31.35
N GLN A 852 14.10 -9.11 -32.57
CA GLN A 852 15.22 -10.00 -32.83
C GLN A 852 16.46 -9.66 -31.99
N ASP A 853 16.62 -8.37 -31.60
CA ASP A 853 17.72 -7.91 -30.76
C ASP A 853 17.80 -8.73 -29.47
N PHE A 854 16.64 -8.90 -28.78
CA PHE A 854 16.51 -9.63 -27.51
C PHE A 854 16.70 -11.13 -27.71
N LEU A 855 16.14 -11.70 -28.78
CA LEU A 855 16.23 -13.13 -29.09
C LEU A 855 17.64 -13.59 -29.49
N ILE A 856 18.43 -12.70 -30.13
CA ILE A 856 19.82 -12.95 -30.54
C ILE A 856 20.68 -13.15 -29.30
N VAL A 857 20.53 -12.27 -28.29
CA VAL A 857 21.23 -12.33 -26.99
C VAL A 857 20.86 -13.63 -26.27
N ILE A 858 19.54 -13.98 -26.27
CA ILE A 858 19.00 -15.20 -25.66
C ILE A 858 19.67 -16.43 -26.27
N SER A 859 19.76 -16.47 -27.63
CA SER A 859 20.36 -17.55 -28.43
C SER A 859 21.91 -17.47 -28.62
N LYS A 860 22.58 -16.54 -27.87
CA LYS A 860 24.04 -16.29 -27.83
C LYS A 860 24.66 -16.02 -29.22
N GLY A 861 23.95 -15.22 -30.02
CA GLY A 861 24.40 -14.82 -31.35
C GLY A 861 24.02 -15.73 -32.49
N ALA A 862 22.96 -16.55 -32.30
CA ALA A 862 22.49 -17.47 -33.33
C ALA A 862 21.80 -16.75 -34.49
N GLN A 863 21.51 -17.52 -35.56
CA GLN A 863 20.85 -17.02 -36.77
C GLN A 863 19.38 -17.43 -36.69
N GLU A 864 19.11 -18.72 -36.48
CA GLU A 864 17.75 -19.21 -36.29
C GLU A 864 17.55 -19.22 -34.76
N CYS A 865 17.30 -18.02 -34.17
CA CYS A 865 17.15 -17.82 -32.72
C CYS A 865 15.91 -18.50 -32.13
N THR A 866 14.89 -18.75 -32.97
CA THR A 866 13.64 -19.40 -32.57
C THR A 866 13.91 -20.87 -32.19
N LYS A 867 14.45 -21.65 -33.14
CA LYS A 867 14.73 -23.08 -32.96
C LYS A 867 16.10 -23.33 -32.30
N THR A 868 16.22 -22.96 -31.01
CA THR A 868 17.44 -23.17 -30.20
C THR A 868 17.10 -23.73 -28.83
N ARG A 869 18.09 -24.40 -28.23
CA ARG A 869 18.04 -25.02 -26.90
C ARG A 869 18.07 -23.97 -25.80
N GLU A 870 18.40 -22.70 -26.15
CA GLU A 870 18.44 -21.53 -25.26
C GLU A 870 17.05 -20.86 -25.16
N PHE A 871 16.32 -20.80 -26.30
CA PHE A 871 14.98 -20.23 -26.40
C PHE A 871 13.94 -21.15 -25.73
N GLU A 872 14.12 -22.49 -25.87
CA GLU A 872 13.30 -23.56 -25.27
C GLU A 872 13.37 -23.43 -23.75
N ARG A 873 14.57 -23.15 -23.22
CA ARG A 873 14.81 -22.92 -21.80
C ARG A 873 14.09 -21.64 -21.33
N PHE A 874 14.19 -20.56 -22.15
CA PHE A 874 13.55 -19.27 -21.91
C PHE A 874 12.03 -19.37 -21.89
N GLN A 875 11.45 -20.15 -22.81
CA GLN A 875 10.01 -20.34 -22.88
C GLN A 875 9.50 -21.02 -21.60
N GLU A 876 10.25 -22.04 -21.13
CA GLU A 876 9.92 -22.80 -19.94
C GLU A 876 9.94 -21.95 -18.68
N MET A 877 10.84 -20.94 -18.65
CA MET A 877 10.91 -19.96 -17.55
C MET A 877 9.62 -19.13 -17.52
N CYS A 878 9.16 -18.67 -18.71
CA CYS A 878 7.95 -17.88 -18.86
C CYS A 878 6.69 -18.63 -18.48
N TYR A 879 6.62 -19.93 -18.84
CA TYR A 879 5.47 -20.77 -18.51
C TYR A 879 5.38 -21.01 -17.02
N LYS A 880 6.50 -21.41 -16.42
CA LYS A 880 6.60 -21.64 -14.99
C LYS A 880 6.27 -20.34 -14.19
N ALA A 881 6.72 -19.18 -14.67
CA ALA A 881 6.47 -17.87 -14.05
C ALA A 881 5.01 -17.48 -14.18
N TYR A 882 4.40 -17.76 -15.37
CA TYR A 882 3.01 -17.44 -15.63
C TYR A 882 2.07 -18.17 -14.67
N LEU A 883 2.27 -19.49 -14.55
CA LEU A 883 1.46 -20.37 -13.69
C LEU A 883 1.63 -20.07 -12.20
N ALA A 884 2.83 -19.65 -11.78
CA ALA A 884 3.10 -19.28 -10.39
C ALA A 884 2.22 -18.11 -9.97
N ILE A 885 2.14 -17.05 -10.82
CA ILE A 885 1.31 -15.89 -10.55
C ILE A 885 -0.16 -16.26 -10.56
N ARG A 886 -0.57 -17.17 -11.51
CA ARG A 886 -1.93 -17.67 -11.63
C ARG A 886 -2.39 -18.28 -10.31
N GLN A 887 -1.48 -18.98 -9.59
CA GLN A 887 -1.76 -19.63 -8.30
C GLN A 887 -2.00 -18.59 -7.18
N HIS A 888 -1.38 -17.41 -7.32
CA HIS A 888 -1.49 -16.35 -6.34
C HIS A 888 -2.43 -15.23 -6.80
N ALA A 889 -3.37 -15.55 -7.71
CA ALA A 889 -4.28 -14.57 -8.30
C ALA A 889 -5.16 -13.81 -7.28
N ASN A 890 -5.60 -14.49 -6.21
CA ASN A 890 -6.47 -13.90 -5.19
C ASN A 890 -5.82 -12.74 -4.49
N LEU A 891 -4.50 -12.85 -4.25
CA LEU A 891 -3.67 -11.79 -3.65
C LEU A 891 -3.65 -10.53 -4.55
N PHE A 892 -3.36 -10.70 -5.86
CA PHE A 892 -3.26 -9.58 -6.82
C PHE A 892 -4.59 -8.90 -7.01
N ILE A 893 -5.68 -9.68 -7.10
CA ILE A 893 -7.04 -9.14 -7.18
C ILE A 893 -7.35 -8.30 -5.91
N ASN A 894 -7.03 -8.83 -4.72
CA ASN A 894 -7.23 -8.15 -3.45
C ASN A 894 -6.39 -6.86 -3.29
N LEU A 895 -5.13 -6.88 -3.76
CA LEU A 895 -4.25 -5.70 -3.67
C LEU A 895 -4.77 -4.57 -4.53
N PHE A 896 -5.33 -4.91 -5.69
CA PHE A 896 -5.94 -3.94 -6.57
C PHE A 896 -7.25 -3.43 -5.97
N SER A 897 -8.07 -4.33 -5.38
CA SER A 897 -9.36 -4.00 -4.80
C SER A 897 -9.30 -2.99 -3.68
N MET A 898 -8.27 -3.10 -2.82
CA MET A 898 -8.04 -2.21 -1.68
C MET A 898 -7.59 -0.82 -2.21
N MET A 899 -7.07 -0.79 -3.45
CA MET A 899 -6.58 0.41 -4.10
C MET A 899 -7.68 1.17 -4.87
N LEU A 900 -8.95 0.69 -4.84
CA LEU A 900 -10.08 1.36 -5.51
C LEU A 900 -10.44 2.69 -4.82
N GLY A 901 -10.10 2.80 -3.53
CA GLY A 901 -10.31 3.98 -2.71
C GLY A 901 -9.52 5.19 -3.17
N SER A 902 -8.31 4.94 -3.75
CA SER A 902 -7.44 5.97 -4.31
C SER A 902 -8.09 6.43 -5.60
N GLY A 903 -7.90 7.69 -5.94
CA GLY A 903 -8.51 8.22 -7.16
C GLY A 903 -7.89 7.85 -8.49
N MET A 904 -7.06 6.77 -8.54
CA MET A 904 -6.34 6.33 -9.74
C MET A 904 -7.30 6.10 -10.91
N PRO A 905 -7.13 6.83 -12.03
CA PRO A 905 -8.12 6.79 -13.09
C PRO A 905 -8.36 5.44 -13.77
N GLU A 906 -7.31 4.61 -13.86
CA GLU A 906 -7.44 3.31 -14.53
C GLU A 906 -7.88 2.20 -13.57
N LEU A 907 -8.17 2.57 -12.32
CA LEU A 907 -8.60 1.64 -11.29
C LEU A 907 -9.73 2.30 -10.49
N GLN A 908 -10.91 2.43 -11.14
CA GLN A 908 -12.11 3.07 -10.57
C GLN A 908 -13.30 2.10 -10.34
N SER A 909 -13.24 0.88 -10.89
CA SER A 909 -14.30 -0.13 -10.74
C SER A 909 -13.71 -1.53 -10.73
N PHE A 910 -14.49 -2.52 -10.25
CA PHE A 910 -14.04 -3.91 -10.23
C PHE A 910 -13.88 -4.49 -11.66
N ASP A 911 -14.52 -3.88 -12.67
CA ASP A 911 -14.41 -4.29 -14.08
C ASP A 911 -13.02 -3.98 -14.64
N ASP A 912 -12.36 -2.97 -14.06
CA ASP A 912 -10.99 -2.60 -14.42
C ASP A 912 -10.09 -3.76 -13.99
N ILE A 913 -10.27 -4.22 -12.70
CA ILE A 913 -9.52 -5.32 -12.05
C ILE A 913 -9.71 -6.62 -12.81
N ALA A 914 -10.93 -6.84 -13.36
CA ALA A 914 -11.30 -8.02 -14.15
C ALA A 914 -10.36 -8.29 -15.33
N TYR A 915 -9.55 -7.29 -15.77
CA TYR A 915 -8.57 -7.51 -16.82
C TYR A 915 -7.58 -8.62 -16.42
N ILE A 916 -7.18 -8.70 -15.11
CA ILE A 916 -6.23 -9.72 -14.68
C ILE A 916 -6.91 -11.09 -14.60
N ARG A 917 -8.25 -11.11 -14.49
CA ARG A 917 -9.00 -12.35 -14.57
C ARG A 917 -8.85 -12.93 -16.01
N LYS A 918 -8.75 -12.05 -17.04
CA LYS A 918 -8.60 -12.43 -18.45
C LYS A 918 -7.16 -12.92 -18.71
N THR A 919 -6.14 -12.12 -18.31
CA THR A 919 -4.71 -12.43 -18.54
C THR A 919 -4.26 -13.66 -17.78
N LEU A 920 -4.86 -13.91 -16.63
CA LEU A 920 -4.55 -15.10 -15.84
C LEU A 920 -5.43 -16.31 -16.19
N ALA A 921 -6.46 -16.11 -17.07
CA ALA A 921 -7.41 -17.13 -17.57
C ALA A 921 -7.92 -18.03 -16.42
N LEU A 922 -8.49 -17.40 -15.38
CA LEU A 922 -8.95 -18.04 -14.16
C LEU A 922 -10.17 -18.96 -14.32
N ASP A 923 -11.07 -18.57 -15.24
CA ASP A 923 -12.27 -19.34 -15.57
C ASP A 923 -11.84 -20.66 -16.24
N LYS A 924 -10.77 -20.61 -17.05
CA LYS A 924 -10.18 -21.75 -17.76
C LYS A 924 -9.31 -22.59 -16.82
N THR A 925 -8.91 -23.81 -17.27
CA THR A 925 -8.05 -24.71 -16.48
C THR A 925 -6.59 -24.31 -16.64
N GLU A 926 -5.69 -24.93 -15.83
CA GLU A 926 -4.24 -24.66 -15.86
C GLU A 926 -3.62 -24.95 -17.23
N GLN A 927 -4.01 -26.07 -17.88
CA GLN A 927 -3.47 -26.37 -19.19
C GLN A 927 -4.06 -25.45 -20.27
N GLU A 928 -5.34 -25.06 -20.09
CA GLU A 928 -6.04 -24.14 -20.99
C GLU A 928 -5.41 -22.74 -20.87
N ALA A 929 -4.89 -22.39 -19.66
CA ALA A 929 -4.21 -21.13 -19.36
C ALA A 929 -2.83 -21.03 -20.03
N LEU A 930 -2.09 -22.16 -20.10
CA LEU A 930 -0.79 -22.27 -20.75
C LEU A 930 -0.98 -22.02 -22.25
N GLU A 931 -1.98 -22.68 -22.85
CA GLU A 931 -2.35 -22.56 -24.27
C GLU A 931 -2.74 -21.13 -24.61
N TYR A 932 -3.45 -20.44 -23.69
CA TYR A 932 -3.88 -19.06 -23.85
C TYR A 932 -2.66 -18.16 -23.90
N PHE A 933 -1.73 -18.34 -22.93
CA PHE A 933 -0.50 -17.57 -22.85
C PHE A 933 0.37 -17.80 -24.09
N MET A 934 0.54 -19.08 -24.51
CA MET A 934 1.31 -19.45 -25.69
C MET A 934 0.74 -18.83 -26.96
N LYS A 935 -0.62 -18.78 -27.09
CA LYS A 935 -1.32 -18.18 -28.22
C LYS A 935 -1.13 -16.67 -28.27
N GLN A 936 -1.18 -15.98 -27.11
CA GLN A 936 -0.97 -14.53 -27.05
C GLN A 936 0.46 -14.16 -27.46
N MET A 937 1.45 -14.99 -27.03
CA MET A 937 2.87 -14.83 -27.36
C MET A 937 3.14 -15.17 -28.82
N ASN A 938 2.43 -16.19 -29.36
CA ASN A 938 2.53 -16.64 -30.76
C ASN A 938 2.02 -15.53 -31.71
N ASP A 939 0.85 -14.91 -31.41
CA ASP A 939 0.24 -13.83 -32.19
C ASP A 939 1.06 -12.54 -32.15
N ALA A 940 1.58 -12.19 -30.96
CA ALA A 940 2.37 -10.97 -30.76
C ALA A 940 3.72 -11.01 -31.53
N HIS A 941 4.45 -12.13 -31.43
CA HIS A 941 5.75 -12.33 -32.05
C HIS A 941 5.71 -12.82 -33.48
N HIS A 942 4.50 -13.20 -33.98
CA HIS A 942 4.23 -13.77 -35.31
C HIS A 942 4.98 -15.09 -35.46
N GLY A 943 4.71 -16.00 -34.52
CA GLY A 943 5.33 -17.33 -34.44
C GLY A 943 6.27 -17.51 -33.27
N GLY A 944 6.82 -18.73 -33.19
CA GLY A 944 7.80 -19.15 -32.19
C GLY A 944 7.26 -19.91 -31.00
N TRP A 945 6.03 -19.56 -30.56
CA TRP A 945 5.37 -20.11 -29.37
C TRP A 945 4.28 -21.11 -29.67
#